data_4MRS
#
_entry.id   4MRS
#
_cell.length_a   322.173
_cell.length_b   95.401
_cell.length_c   79.398
_cell.angle_alpha   90.00
_cell.angle_beta   101.81
_cell.angle_gamma   90.00
#
_symmetry.space_group_name_H-M   'C 1 2 1'
#
loop_
_entity.id
_entity.type
_entity.pdbx_description
1 polymer 'ABC transporter related protein'
2 non-polymer 'LAURYL DIMETHYLAMINE-N-OXIDE'
3 non-polymer 'OXIDIZED GLUTATHIONE DISULFIDE'
4 non-polymer 'PHOSPHATE ION'
5 water water
#
_entity_poly.entity_id   1
_entity_poly.type   'polypeptide(L)'
_entity_poly.pdbx_seq_one_letter_code
;(MSE)PPETATNPKDARHDGWQTLKRFLPYLWPADNAVLRRRVVGAIL(MSE)VLLGKATTLALPFAYKKAVDA(MSE)T
LGGGAQPALTVALAFVLAYALGRFSGVLFDNLRNIVFERVGQDATRHLAENVFARLHKLSLRFHLARRTGEVTKVIERGT
KSIDT(MSE)LYFLLFNIAPTVIELTAVIVIFWLNFGLGLVTATILAVIAYVWTTRTITEWRTHLREK(MSE)NRLDGQA
LARAVDSLLNYETVKYFGAESREEARYASAARAYADAAVKSENSLGLLNIAQALIVNLL(MSE)AGA(MSE)AWTVYGWS
QGKLTVGDLVFVNTYLTQLFRPLD(MSE)LG(MSE)VYRTIRQGLID(MSE)AE(MSE)FRLIDTHIEVADVPNAPALVV
NRPSVTFDNVVFGYDRDREILHGLSFEVAAGSRVAIVGPSGAGKSTIARLLFRFYDPWEGRILIDGQDIAHVTQTSLRAA
LGIVPQDSVLFNDTIGYNIAYGRDGASRAEVDAAAKGAAIADFIARLPQGYDTEVGERGLKLSGGEKQRVAIARTLVKNP
PILLFDEATSALDTRTEQDILST(MSE)RAVASHRTTISIAHRLSTIADSDTILVLDQGRLAEQGSHLDLLRRDGLYAE
(MSE)WARQAAESAEVSEAAEHHHHHH
;
_entity_poly.pdbx_strand_id   A,B
#
# COMPACT_ATOMS: atom_id res chain seq x y z
N ASN A 8 29.97 25.74 -6.78
CA ASN A 8 29.22 24.62 -6.21
C ASN A 8 27.74 24.79 -6.53
N PRO A 9 27.13 23.77 -7.16
CA PRO A 9 25.68 23.76 -7.43
C PRO A 9 24.87 23.67 -6.15
N LYS A 10 25.39 22.99 -5.13
CA LYS A 10 24.75 22.93 -3.81
C LYS A 10 24.69 24.30 -3.15
N ASP A 11 25.63 25.18 -3.50
CA ASP A 11 25.58 26.55 -2.99
C ASP A 11 24.63 27.36 -3.88
N ALA A 12 23.33 27.12 -3.70
CA ALA A 12 22.33 27.83 -4.49
C ALA A 12 20.98 27.80 -3.78
N ARG A 13 20.02 28.51 -4.36
CA ARG A 13 18.66 28.56 -3.84
C ARG A 13 18.04 27.15 -3.96
N HIS A 14 17.35 26.71 -2.91
CA HIS A 14 16.75 25.37 -2.89
C HIS A 14 15.40 25.34 -3.63
N ASP A 15 15.45 25.26 -4.96
CA ASP A 15 14.23 25.23 -5.74
C ASP A 15 14.22 24.11 -6.77
N GLY A 16 13.19 24.10 -7.60
CA GLY A 16 13.07 23.14 -8.68
C GLY A 16 14.24 23.14 -9.65
N TRP A 17 14.76 24.33 -9.95
CA TRP A 17 15.86 24.47 -10.91
C TRP A 17 17.10 23.76 -10.40
N GLN A 18 17.39 23.96 -9.12
CA GLN A 18 18.51 23.27 -8.53
C GLN A 18 18.34 21.76 -8.57
N THR A 19 17.13 21.29 -8.27
CA THR A 19 16.88 19.85 -8.25
C THR A 19 17.09 19.22 -9.61
N LEU A 20 16.56 19.87 -10.64
CA LEU A 20 16.71 19.42 -12.01
C LEU A 20 18.17 19.44 -12.42
N LYS A 21 18.87 20.49 -12.03
CA LYS A 21 20.28 20.61 -12.34
C LYS A 21 21.03 19.45 -11.72
N ARG A 22 20.65 19.05 -10.50
CA ARG A 22 21.27 17.86 -9.89
C ARG A 22 20.93 16.59 -10.65
N PHE A 23 19.73 16.52 -11.18
CA PHE A 23 19.33 15.32 -11.89
C PHE A 23 19.98 15.20 -13.27
N LEU A 24 20.46 16.32 -13.82
CA LEU A 24 20.94 16.32 -15.21
C LEU A 24 22.08 15.32 -15.51
N PRO A 25 23.09 15.25 -14.62
CA PRO A 25 24.14 14.24 -14.81
C PRO A 25 23.63 12.79 -14.92
N TYR A 26 22.49 12.46 -14.30
CA TYR A 26 21.91 11.12 -14.41
C TYR A 26 21.40 10.86 -15.83
N LEU A 27 20.85 11.90 -16.44
CA LEU A 27 20.37 11.85 -17.82
C LEU A 27 21.48 11.89 -18.87
N TRP A 28 22.61 12.47 -18.51
CA TRP A 28 23.75 12.54 -19.42
C TRP A 28 24.93 11.90 -18.70
N PRO A 29 24.98 10.57 -18.68
CA PRO A 29 25.86 9.82 -17.77
C PRO A 29 27.33 10.18 -17.85
N ALA A 30 27.89 10.24 -19.06
CA ALA A 30 29.34 10.44 -19.26
C ALA A 30 30.14 9.27 -18.69
N ASP A 31 29.42 8.23 -18.34
CA ASP A 31 29.95 6.92 -17.98
C ASP A 31 29.64 5.91 -19.09
N ASN A 32 28.53 6.13 -19.78
CA ASN A 32 27.92 5.12 -20.64
C ASN A 32 28.18 5.24 -22.14
N ALA A 33 27.78 6.37 -22.74
CA ALA A 33 27.92 6.63 -24.19
C ALA A 33 26.98 5.84 -25.11
N VAL A 34 26.33 4.81 -24.59
CA VAL A 34 25.29 4.16 -25.36
C VAL A 34 24.03 4.94 -25.05
N LEU A 35 23.91 5.35 -23.79
CA LEU A 35 22.81 6.19 -23.34
C LEU A 35 22.86 7.64 -23.83
N ARG A 36 24.06 8.19 -23.96
CA ARG A 36 24.20 9.56 -24.46
C ARG A 36 23.71 9.61 -25.91
N ARG A 37 24.07 8.60 -26.70
CA ARG A 37 23.59 8.48 -28.07
C ARG A 37 22.06 8.46 -28.10
N ARG A 38 21.46 7.70 -27.19
CA ARG A 38 20.01 7.61 -27.11
C ARG A 38 19.41 8.97 -26.83
N VAL A 39 20.07 9.75 -25.97
CA VAL A 39 19.57 11.08 -25.65
C VAL A 39 19.62 12.00 -26.91
N VAL A 40 20.73 11.96 -27.64
CA VAL A 40 20.81 12.75 -28.86
C VAL A 40 19.72 12.32 -29.86
N GLY A 41 19.57 11.01 -30.04
CA GLY A 41 18.57 10.49 -30.95
C GLY A 41 17.19 10.95 -30.57
N ALA A 42 16.92 10.97 -29.27
CA ALA A 42 15.63 11.39 -28.77
C ALA A 42 15.37 12.87 -29.08
N ILE A 43 16.41 13.69 -28.87
CA ILE A 43 16.31 15.12 -29.15
C ILE A 43 16.03 15.37 -30.65
N LEU A 44 16.73 14.60 -31.50
CA LEU A 44 16.45 14.61 -32.94
C LEU A 44 15.03 14.20 -33.29
N VAL A 46 12.49 14.76 -31.39
CA VAL A 46 11.69 15.93 -31.00
C VAL A 46 11.73 16.97 -32.12
N LEU A 47 12.92 17.20 -32.65
CA LEU A 47 13.07 18.17 -33.71
C LEU A 47 12.31 17.75 -34.97
N LEU A 48 12.46 16.49 -35.40
CA LEU A 48 11.74 15.98 -36.57
C LEU A 48 10.25 16.06 -36.42
N GLY A 49 9.76 15.69 -35.24
CA GLY A 49 8.35 15.71 -34.93
C GLY A 49 7.78 17.10 -34.98
N LYS A 50 8.52 18.06 -34.43
CA LYS A 50 8.10 19.47 -34.49
C LYS A 50 8.10 20.02 -35.90
N ALA A 51 9.16 19.72 -36.64
CA ALA A 51 9.26 20.15 -38.04
C ALA A 51 8.05 19.61 -38.78
N THR A 52 7.71 18.35 -38.53
CA THR A 52 6.60 17.70 -39.17
C THR A 52 5.26 18.36 -38.82
N THR A 53 4.97 18.52 -37.53
CA THR A 53 3.68 19.09 -37.17
C THR A 53 3.53 20.55 -37.55
N LEU A 54 4.66 21.24 -37.69
CA LEU A 54 4.63 22.61 -38.18
C LEU A 54 4.42 22.66 -39.71
N ALA A 55 5.00 21.68 -40.40
CA ALA A 55 4.91 21.58 -41.85
C ALA A 55 3.53 21.17 -42.32
N LEU A 56 2.89 20.26 -41.61
CA LEU A 56 1.62 19.71 -42.10
C LEU A 56 0.47 20.72 -42.33
N PRO A 57 0.36 21.76 -41.48
CA PRO A 57 -0.75 22.70 -41.77
C PRO A 57 -0.53 23.55 -43.04
N PHE A 58 0.73 23.76 -43.40
CA PHE A 58 1.04 24.43 -44.65
C PHE A 58 0.53 23.57 -45.80
N ALA A 59 0.64 22.25 -45.67
CA ALA A 59 0.12 21.35 -46.70
C ALA A 59 -1.39 21.48 -46.83
N TYR A 60 -2.06 21.54 -45.69
CA TYR A 60 -3.50 21.67 -45.67
C TYR A 60 -3.91 23.02 -46.26
N LYS A 61 -3.15 24.05 -45.92
CA LYS A 61 -3.38 25.39 -46.42
C LYS A 61 -3.27 25.48 -47.95
N LYS A 62 -2.23 24.87 -48.51
CA LYS A 62 -2.00 24.83 -49.94
C LYS A 62 -3.14 24.10 -50.66
N ALA A 63 -3.64 23.03 -50.04
CA ALA A 63 -4.72 22.26 -50.63
C ALA A 63 -5.98 23.09 -50.80
N VAL A 64 -6.29 23.89 -49.78
CA VAL A 64 -7.47 24.76 -49.82
C VAL A 64 -7.24 25.89 -50.83
N ASP A 65 -6.00 26.38 -50.87
CA ASP A 65 -5.60 27.43 -51.79
C ASP A 65 -5.73 26.99 -53.25
N ALA A 66 -5.29 25.76 -53.52
CA ALA A 66 -5.38 25.18 -54.84
C ALA A 66 -6.83 25.08 -55.29
N THR A 68 -9.29 27.10 -54.29
CA THR A 68 -9.99 28.39 -54.37
C THR A 68 -9.30 29.41 -55.29
N LEU A 69 -7.99 29.26 -55.46
CA LEU A 69 -7.18 29.98 -56.44
C LEU A 69 -6.62 28.98 -57.45
N GLY A 70 -7.49 28.32 -58.20
CA GLY A 70 -7.07 27.50 -59.32
C GLY A 70 -6.37 28.15 -60.50
N GLY A 71 -5.95 29.41 -60.35
CA GLY A 71 -5.28 30.13 -61.42
C GLY A 71 -3.94 29.61 -61.92
N GLY A 72 -3.04 29.26 -61.01
CA GLY A 72 -1.74 28.76 -61.40
C GLY A 72 -1.41 27.48 -60.66
N ALA A 73 -2.38 26.97 -59.92
CA ALA A 73 -2.21 25.71 -59.24
C ALA A 73 -2.87 24.54 -59.97
N GLN A 74 -2.66 24.46 -61.28
CA GLN A 74 -3.35 23.47 -62.13
C GLN A 74 -2.47 22.25 -62.48
N PRO A 75 -3.09 21.09 -62.74
CA PRO A 75 -4.51 20.80 -62.54
C PRO A 75 -4.80 20.87 -61.04
N ALA A 76 -5.92 21.49 -60.68
CA ALA A 76 -6.23 21.71 -59.27
C ALA A 76 -6.48 20.40 -58.54
N LEU A 77 -7.09 19.45 -59.23
CA LEU A 77 -7.37 18.15 -58.67
C LEU A 77 -6.08 17.48 -58.21
N THR A 78 -5.08 17.45 -59.08
CA THR A 78 -3.78 16.82 -58.80
C THR A 78 -3.04 17.52 -57.66
N VAL A 79 -3.03 18.84 -57.71
CA VAL A 79 -2.34 19.65 -56.69
C VAL A 79 -2.98 19.48 -55.30
N ALA A 80 -4.30 19.57 -55.26
CA ALA A 80 -5.07 19.47 -54.03
C ALA A 80 -4.94 18.06 -53.43
N LEU A 81 -5.04 17.04 -54.29
CA LEU A 81 -4.85 15.67 -53.85
C LEU A 81 -3.48 15.52 -53.23
N ALA A 82 -2.47 15.99 -53.95
CA ALA A 82 -1.10 15.87 -53.48
C ALA A 82 -0.95 16.49 -52.08
N PHE A 83 -1.49 17.69 -51.88
CA PHE A 83 -1.32 18.36 -50.59
C PHE A 83 -2.10 17.69 -49.46
N VAL A 84 -3.29 17.18 -49.78
CA VAL A 84 -4.08 16.42 -48.81
C VAL A 84 -3.34 15.14 -48.35
N LEU A 85 -2.72 14.41 -49.28
CA LEU A 85 -1.92 13.25 -48.92
C LEU A 85 -0.70 13.66 -48.11
N ALA A 86 -0.11 14.81 -48.45
CA ALA A 86 1.01 15.31 -47.67
C ALA A 86 0.62 15.61 -46.22
N TYR A 87 -0.58 16.14 -46.05
CA TYR A 87 -1.12 16.49 -44.75
C TYR A 87 -1.38 15.23 -43.90
N ALA A 88 -2.07 14.26 -44.49
CA ALA A 88 -2.35 13.00 -43.82
C ALA A 88 -1.05 12.24 -43.44
N LEU A 89 -0.13 12.19 -44.40
CA LEU A 89 1.16 11.57 -44.14
C LEU A 89 1.90 12.33 -43.03
N GLY A 90 1.71 13.65 -43.00
CA GLY A 90 2.32 14.47 -41.98
C GLY A 90 1.79 14.14 -40.59
N ARG A 91 0.47 13.96 -40.47
CA ARG A 91 -0.11 13.63 -39.18
C ARG A 91 0.46 12.30 -38.68
N PHE A 92 0.41 11.30 -39.55
CA PHE A 92 0.94 10.02 -39.16
C PHE A 92 2.41 10.14 -38.75
N SER A 93 3.18 10.94 -39.50
CA SER A 93 4.61 11.07 -39.24
C SER A 93 4.93 11.77 -37.92
N GLY A 94 4.10 12.73 -37.53
CA GLY A 94 4.28 13.45 -36.29
C GLY A 94 4.11 12.46 -35.14
N VAL A 95 3.06 11.65 -35.24
CA VAL A 95 2.85 10.65 -34.21
C VAL A 95 4.02 9.66 -34.15
N LEU A 96 4.52 9.25 -35.32
CA LEU A 96 5.61 8.29 -35.38
C LEU A 96 6.87 8.81 -34.72
N PHE A 97 7.20 10.06 -35.03
CA PHE A 97 8.40 10.65 -34.47
C PHE A 97 8.28 10.80 -32.96
N ASP A 98 7.10 11.20 -32.49
CA ASP A 98 6.88 11.34 -31.04
C ASP A 98 7.05 10.02 -30.28
N ASN A 99 6.43 8.97 -30.79
CA ASN A 99 6.55 7.70 -30.11
C ASN A 99 7.96 7.13 -30.21
N LEU A 100 8.62 7.38 -31.33
CA LEU A 100 10.00 6.94 -31.46
C LEU A 100 10.89 7.69 -30.48
N ARG A 101 10.61 8.96 -30.18
CA ARG A 101 11.46 9.65 -29.21
C ARG A 101 11.21 9.00 -27.85
N ASN A 102 9.95 8.69 -27.52
CA ASN A 102 9.67 8.06 -26.23
C ASN A 102 10.37 6.71 -26.07
N ILE A 103 10.24 5.88 -27.09
CA ILE A 103 10.84 4.56 -27.12
C ILE A 103 12.36 4.63 -27.01
N VAL A 104 12.97 5.56 -27.74
CA VAL A 104 14.43 5.69 -27.71
C VAL A 104 14.90 6.19 -26.36
N PHE A 105 14.13 7.09 -25.75
CA PHE A 105 14.53 7.67 -24.47
C PHE A 105 14.29 6.80 -23.23
N GLU A 106 13.33 5.88 -23.31
CA GLU A 106 12.78 5.19 -22.14
C GLU A 106 13.86 4.54 -21.28
N ARG A 107 14.80 3.88 -21.95
CA ARG A 107 15.91 3.22 -21.30
C ARG A 107 16.74 4.24 -20.50
N VAL A 108 16.92 5.42 -21.06
CA VAL A 108 17.67 6.48 -20.41
C VAL A 108 16.97 6.90 -19.13
N GLY A 109 15.65 7.12 -19.22
CA GLY A 109 14.90 7.53 -18.05
C GLY A 109 14.95 6.49 -16.91
N GLN A 110 14.69 5.25 -17.27
CA GLN A 110 14.71 4.14 -16.35
C GLN A 110 16.08 3.98 -15.70
N ASP A 111 17.14 4.19 -16.49
CA ASP A 111 18.47 4.09 -15.91
C ASP A 111 18.76 5.23 -14.95
N ALA A 112 18.32 6.44 -15.30
CA ALA A 112 18.62 7.60 -14.47
C ALA A 112 17.93 7.43 -13.13
N THR A 113 16.66 7.03 -13.16
CA THR A 113 15.93 6.88 -11.90
C THR A 113 16.40 5.66 -11.09
N ARG A 114 16.86 4.63 -11.78
CA ARG A 114 17.43 3.50 -11.08
C ARG A 114 18.70 3.94 -10.34
N HIS A 115 19.56 4.70 -11.01
CA HIS A 115 20.78 5.19 -10.36
C HIS A 115 20.53 6.17 -9.19
N LEU A 116 19.49 6.99 -9.33
CA LEU A 116 19.13 7.85 -8.23
C LEU A 116 18.75 6.99 -6.99
N ALA A 117 17.86 6.03 -7.23
CA ALA A 117 17.42 5.12 -6.19
C ALA A 117 18.58 4.34 -5.54
N GLU A 118 19.49 3.84 -6.37
CA GLU A 118 20.65 3.11 -5.85
C GLU A 118 21.56 4.01 -4.98
N ASN A 119 21.77 5.24 -5.41
CA ASN A 119 22.58 6.16 -4.61
C ASN A 119 21.92 6.43 -3.26
N VAL A 120 20.60 6.59 -3.26
CA VAL A 120 19.91 6.84 -2.00
C VAL A 120 20.00 5.63 -1.07
N PHE A 121 19.80 4.44 -1.64
CA PHE A 121 19.85 3.15 -0.90
C PHE A 121 21.20 2.94 -0.23
N ALA A 122 22.27 3.14 -1.01
CA ALA A 122 23.62 3.06 -0.45
C ALA A 122 23.81 4.07 0.67
N ARG A 123 23.37 5.31 0.44
CA ARG A 123 23.56 6.30 1.50
C ARG A 123 22.77 5.92 2.78
N LEU A 124 21.55 5.38 2.61
CA LEU A 124 20.72 4.98 3.74
C LEU A 124 21.40 3.91 4.58
N HIS A 125 22.13 3.01 3.91
CA HIS A 125 22.92 2.03 4.66
C HIS A 125 24.15 2.65 5.31
N LYS A 126 24.70 3.71 4.73
CA LYS A 126 25.83 4.39 5.39
C LYS A 126 25.47 5.24 6.60
N LEU A 127 24.22 5.71 6.67
CA LEU A 127 23.84 6.66 7.71
C LEU A 127 23.72 5.98 9.11
N SER A 128 23.63 6.77 10.17
CA SER A 128 23.72 6.23 11.53
C SER A 128 22.50 5.42 11.98
N LEU A 129 22.71 4.53 12.94
CA LEU A 129 21.66 3.70 13.51
C LEU A 129 20.58 4.52 14.23
N ARG A 130 20.92 5.73 14.64
CA ARG A 130 20.02 6.49 15.51
C ARG A 130 18.82 7.06 14.80
N PHE A 131 18.76 6.85 13.51
CA PHE A 131 17.58 7.20 12.76
C PHE A 131 16.59 6.04 12.86
N HIS A 132 17.06 4.94 13.47
CA HIS A 132 16.21 3.79 13.80
C HIS A 132 15.31 3.29 12.69
N LEU A 133 15.90 2.98 11.53
CA LEU A 133 15.12 2.53 10.39
C LEU A 133 14.64 1.12 10.72
N ALA A 134 13.50 1.08 11.39
CA ALA A 134 12.72 -0.11 11.64
C ALA A 134 11.39 0.51 12.03
N ARG A 135 10.46 0.40 11.09
CA ARG A 135 9.24 1.16 11.06
C ARG A 135 8.29 0.23 10.32
N ARG A 136 7.11 0.69 9.92
CA ARG A 136 6.21 -0.22 9.22
C ARG A 136 6.53 -0.40 7.74
N THR A 137 6.48 -1.66 7.30
CA THR A 137 6.77 -2.08 5.93
C THR A 137 5.78 -1.50 4.92
N GLY A 138 4.49 -1.60 5.25
CA GLY A 138 3.42 -1.12 4.39
C GLY A 138 3.40 0.39 4.15
N GLU A 139 3.71 1.14 5.20
CA GLU A 139 3.74 2.60 5.14
C GLU A 139 4.87 3.02 4.20
N VAL A 140 6.05 2.50 4.48
CA VAL A 140 7.24 2.82 3.70
C VAL A 140 7.03 2.43 2.25
N THR A 141 6.49 1.24 2.03
CA THR A 141 6.25 0.72 0.68
C THR A 141 5.26 1.60 -0.08
N LYS A 142 4.19 2.02 0.60
CA LYS A 142 3.18 2.87 -0.04
C LYS A 142 3.80 4.22 -0.43
N VAL A 143 4.59 4.78 0.48
CA VAL A 143 5.27 6.06 0.26
C VAL A 143 6.23 5.98 -0.93
N ILE A 144 7.06 4.94 -0.96
CA ILE A 144 8.04 4.74 -2.05
C ILE A 144 7.38 4.44 -3.39
N GLU A 145 6.28 3.69 -3.37
CA GLU A 145 5.52 3.47 -4.59
C GLU A 145 5.01 4.81 -5.13
N ARG A 146 4.47 5.60 -4.21
CA ARG A 146 3.90 6.91 -4.52
C ARG A 146 4.97 7.85 -5.10
N GLY A 147 6.13 7.88 -4.45
CA GLY A 147 7.25 8.71 -4.89
C GLY A 147 7.81 8.29 -6.25
N THR A 148 7.90 6.98 -6.47
CA THR A 148 8.43 6.45 -7.72
C THR A 148 7.55 6.84 -8.90
N LYS A 149 6.25 6.64 -8.71
CA LYS A 149 5.27 7.00 -9.72
C LYS A 149 5.40 8.51 -9.96
N SER A 150 5.53 9.25 -8.86
CA SER A 150 5.64 10.71 -8.91
C SER A 150 6.81 11.23 -9.73
N ILE A 151 8.00 10.72 -9.44
CA ILE A 151 9.20 11.14 -10.15
C ILE A 151 9.17 10.72 -11.60
N ASP A 152 8.64 9.53 -11.89
CA ASP A 152 8.53 9.10 -13.29
C ASP A 152 7.59 10.04 -14.07
N THR A 153 6.40 10.28 -13.54
CA THR A 153 5.45 11.17 -14.20
C THR A 153 6.05 12.55 -14.39
N LEU A 155 9.19 13.37 -14.67
CA LEU A 155 10.23 13.30 -15.70
C LEU A 155 9.62 13.25 -17.12
N TYR A 156 8.58 12.43 -17.27
CA TYR A 156 7.94 12.29 -18.56
C TYR A 156 7.31 13.59 -19.04
N PHE A 157 6.58 14.26 -18.14
CA PHE A 157 5.96 15.53 -18.49
C PHE A 157 6.96 16.64 -18.79
N LEU A 158 8.05 16.71 -18.03
CA LEU A 158 9.06 17.73 -18.35
C LEU A 158 9.69 17.49 -19.72
N LEU A 159 10.15 16.27 -19.95
CA LEU A 159 10.89 16.00 -21.18
C LEU A 159 10.00 15.95 -22.43
N PHE A 160 8.80 15.38 -22.28
CA PHE A 160 7.96 15.07 -23.42
C PHE A 160 6.72 15.95 -23.60
N ASN A 161 6.27 16.64 -22.54
CA ASN A 161 5.17 17.61 -22.69
C ASN A 161 5.56 19.11 -22.63
N ILE A 162 6.28 19.49 -21.57
CA ILE A 162 6.69 20.89 -21.39
C ILE A 162 7.74 21.34 -22.40
N ALA A 163 8.78 20.54 -22.60
CA ALA A 163 9.86 20.97 -23.51
C ALA A 163 9.43 21.12 -24.98
N PRO A 164 8.72 20.10 -25.53
CA PRO A 164 8.24 20.29 -26.91
C PRO A 164 7.29 21.48 -27.07
N THR A 165 6.42 21.69 -26.08
CA THR A 165 5.47 22.81 -26.13
C THR A 165 6.20 24.16 -26.13
N VAL A 166 7.35 24.23 -25.45
CA VAL A 166 8.14 25.45 -25.47
C VAL A 166 8.73 25.68 -26.86
N ILE A 167 9.26 24.60 -27.45
CA ILE A 167 9.80 24.62 -28.80
C ILE A 167 8.72 25.03 -29.81
N GLU A 168 7.58 24.35 -29.74
CA GLU A 168 6.45 24.66 -30.60
C GLU A 168 5.96 26.09 -30.40
N LEU A 169 5.88 26.53 -29.13
CA LEU A 169 5.38 27.88 -28.85
C LEU A 169 6.29 28.95 -29.47
N THR A 170 7.61 28.77 -29.36
CA THR A 170 8.54 29.73 -29.97
C THR A 170 8.44 29.70 -31.50
N ALA A 171 8.31 28.51 -32.07
CA ALA A 171 8.15 28.37 -33.51
C ALA A 171 6.89 29.09 -34.00
N VAL A 172 5.79 28.86 -33.32
CA VAL A 172 4.53 29.49 -33.71
C VAL A 172 4.67 31.00 -33.65
N ILE A 173 5.35 31.49 -32.63
CA ILE A 173 5.59 32.92 -32.50
C ILE A 173 6.37 33.47 -33.70
N VAL A 174 7.45 32.80 -34.10
CA VAL A 174 8.26 33.24 -35.24
C VAL A 174 7.46 33.20 -36.54
N ILE A 175 6.77 32.08 -36.77
CA ILE A 175 5.99 31.86 -37.98
C ILE A 175 4.82 32.83 -38.08
N PHE A 176 4.10 33.02 -36.97
CA PHE A 176 3.04 34.02 -36.95
C PHE A 176 3.61 35.41 -37.20
N TRP A 177 4.81 35.65 -36.67
CA TRP A 177 5.48 36.95 -36.79
C TRP A 177 5.79 37.28 -38.24
N LEU A 178 6.43 36.34 -38.92
CA LEU A 178 6.84 36.48 -40.31
C LEU A 178 5.67 36.53 -41.29
N ASN A 179 4.52 36.00 -40.92
CA ASN A 179 3.45 35.90 -41.89
C ASN A 179 2.13 36.59 -41.59
N PHE A 180 1.96 37.15 -40.39
CA PHE A 180 0.69 37.78 -40.03
C PHE A 180 0.88 38.94 -39.07
N GLY A 181 -0.23 39.52 -38.65
CA GLY A 181 -0.29 40.44 -37.51
C GLY A 181 0.53 41.73 -37.58
N LEU A 182 1.32 42.00 -36.54
CA LEU A 182 1.80 41.05 -35.53
C LEU A 182 0.80 40.89 -34.40
N GLY A 183 -0.36 41.51 -34.55
CA GLY A 183 -1.42 41.42 -33.57
C GLY A 183 -1.74 39.98 -33.20
N LEU A 184 -1.55 39.08 -34.16
CA LEU A 184 -1.76 37.66 -33.95
C LEU A 184 -0.78 37.14 -32.90
N VAL A 185 0.48 37.52 -33.04
CA VAL A 185 1.52 37.11 -32.10
C VAL A 185 1.19 37.53 -30.67
N THR A 186 0.82 38.81 -30.50
CA THR A 186 0.48 39.30 -29.16
C THR A 186 -0.80 38.66 -28.62
N ALA A 187 -1.77 38.40 -29.50
CA ALA A 187 -3.00 37.75 -29.07
C ALA A 187 -2.72 36.35 -28.53
N THR A 188 -1.92 35.57 -29.26
CA THR A 188 -1.63 34.21 -28.81
C THR A 188 -0.73 34.18 -27.58
N ILE A 189 0.26 35.08 -27.51
CA ILE A 189 1.12 35.12 -26.33
C ILE A 189 0.31 35.52 -25.08
N LEU A 190 -0.54 36.53 -25.21
CA LEU A 190 -1.42 36.90 -24.11
C LEU A 190 -2.29 35.71 -23.74
N ALA A 191 -2.73 34.98 -24.75
CA ALA A 191 -3.60 33.83 -24.54
C ALA A 191 -2.88 32.76 -23.71
N VAL A 192 -1.62 32.47 -24.08
CA VAL A 192 -0.83 31.45 -23.40
C VAL A 192 -0.54 31.85 -21.95
N ILE A 193 -0.26 33.14 -21.74
CA ILE A 193 -0.01 33.67 -20.40
C ILE A 193 -1.25 33.58 -19.52
N ALA A 194 -2.40 33.97 -20.07
CA ALA A 194 -3.66 33.85 -19.35
C ALA A 194 -3.95 32.39 -19.01
N TYR A 195 -3.69 31.51 -19.97
CA TYR A 195 -3.98 30.10 -19.83
C TYR A 195 -3.14 29.50 -18.71
N VAL A 196 -1.85 29.79 -18.74
CA VAL A 196 -0.94 29.25 -17.74
C VAL A 196 -1.28 29.77 -16.36
N TRP A 197 -1.49 31.07 -16.24
CA TRP A 197 -1.80 31.67 -14.95
C TRP A 197 -3.12 31.12 -14.38
N THR A 198 -4.15 31.06 -15.21
CA THR A 198 -5.46 30.53 -14.80
C THR A 198 -5.34 29.09 -14.32
N THR A 199 -4.62 28.28 -15.10
CA THR A 199 -4.46 26.87 -14.80
C THR A 199 -3.73 26.68 -13.49
N ARG A 200 -2.72 27.50 -13.26
CA ARG A 200 -1.90 27.40 -12.06
C ARG A 200 -2.70 27.78 -10.82
N THR A 201 -3.41 28.90 -10.88
CA THR A 201 -4.13 29.34 -9.70
C THR A 201 -5.26 28.37 -9.37
N ILE A 202 -5.98 27.91 -10.39
CA ILE A 202 -7.01 26.90 -10.15
C ILE A 202 -6.42 25.57 -9.63
N THR A 203 -5.26 25.19 -10.14
CA THR A 203 -4.63 23.93 -9.76
C THR A 203 -4.18 23.92 -8.28
N GLU A 204 -3.75 25.06 -7.77
CA GLU A 204 -3.42 25.12 -6.33
C GLU A 204 -4.64 24.78 -5.46
N TRP A 205 -5.76 25.39 -5.81
CA TRP A 205 -7.04 25.14 -5.16
C TRP A 205 -7.46 23.66 -5.28
N ARG A 206 -7.38 23.12 -6.49
CA ARG A 206 -7.74 21.74 -6.72
C ARG A 206 -6.87 20.72 -5.97
N THR A 207 -5.60 21.05 -5.82
CA THR A 207 -4.65 20.17 -5.14
C THR A 207 -4.98 20.14 -3.65
N HIS A 208 -5.37 21.29 -3.11
CA HIS A 208 -5.86 21.31 -1.74
C HIS A 208 -7.11 20.41 -1.56
N LEU A 209 -8.09 20.57 -2.46
CA LEU A 209 -9.30 19.75 -2.38
C LEU A 209 -9.01 18.25 -2.52
N ARG A 210 -8.00 17.93 -3.34
CA ARG A 210 -7.62 16.55 -3.57
C ARG A 210 -7.03 15.97 -2.28
N GLU A 211 -6.23 16.76 -1.57
CA GLU A 211 -5.64 16.32 -0.31
C GLU A 211 -6.70 16.04 0.76
N LYS A 212 -7.68 16.93 0.86
CA LYS A 212 -8.78 16.68 1.79
C LYS A 212 -9.56 15.39 1.42
N ASN A 214 -8.46 12.73 -0.26
CA ASN A 214 -7.65 11.55 0.01
C ASN A 214 -7.58 11.20 1.51
N ARG A 215 -7.44 12.24 2.33
CA ARG A 215 -7.44 12.05 3.77
C ARG A 215 -8.76 11.40 4.27
N LEU A 216 -9.90 11.90 3.76
CA LEU A 216 -11.20 11.32 4.14
C LEU A 216 -11.38 9.88 3.62
N ASP A 217 -10.87 9.62 2.43
CA ASP A 217 -10.92 8.28 1.88
C ASP A 217 -10.17 7.30 2.79
N GLY A 218 -8.98 7.71 3.22
CA GLY A 218 -8.17 6.88 4.09
C GLY A 218 -8.92 6.58 5.39
N GLN A 219 -9.56 7.60 5.95
CA GLN A 219 -10.32 7.38 7.18
C GLN A 219 -11.50 6.40 7.03
N ALA A 220 -12.25 6.52 5.91
CA ALA A 220 -13.39 5.61 5.67
C ALA A 220 -12.92 4.16 5.50
N LEU A 221 -11.84 4.03 4.73
CA LEU A 221 -11.25 2.74 4.47
C LEU A 221 -10.73 2.08 5.76
N ALA A 222 -10.09 2.88 6.61
CA ALA A 222 -9.54 2.39 7.87
C ALA A 222 -10.66 1.93 8.79
N ARG A 223 -11.77 2.64 8.82
CA ARG A 223 -12.89 2.16 9.60
C ARG A 223 -13.37 0.80 9.11
N ALA A 224 -13.56 0.68 7.80
CA ALA A 224 -13.99 -0.60 7.20
C ALA A 224 -13.03 -1.76 7.49
N VAL A 225 -11.74 -1.49 7.33
CA VAL A 225 -10.73 -2.52 7.52
C VAL A 225 -10.62 -2.95 8.98
N ASP A 226 -10.74 -1.97 9.89
CA ASP A 226 -10.66 -2.28 11.31
C ASP A 226 -11.84 -3.18 11.69
N SER A 227 -13.00 -2.85 11.14
CA SER A 227 -14.18 -3.68 11.35
C SER A 227 -14.06 -5.12 10.81
N LEU A 228 -13.64 -5.24 9.54
CA LEU A 228 -13.52 -6.55 8.90
C LEU A 228 -12.47 -7.42 9.54
N LEU A 229 -11.34 -6.84 9.92
CA LEU A 229 -10.33 -7.65 10.61
C LEU A 229 -10.78 -7.96 12.04
N ASN A 230 -11.79 -7.25 12.53
CA ASN A 230 -12.31 -7.52 13.87
C ASN A 230 -13.73 -8.10 13.87
N TYR A 231 -13.98 -8.90 12.85
CA TYR A 231 -15.25 -9.59 12.69
C TYR A 231 -15.75 -10.34 13.94
N GLU A 232 -14.87 -11.10 14.62
CA GLU A 232 -15.29 -11.85 15.82
C GLU A 232 -15.83 -10.94 16.92
N THR A 233 -15.08 -9.89 17.21
CA THR A 233 -15.43 -8.93 18.23
C THR A 233 -16.71 -8.22 17.88
N VAL A 234 -16.85 -7.87 16.60
CA VAL A 234 -18.10 -7.26 16.13
C VAL A 234 -19.29 -8.21 16.38
N LYS A 235 -19.12 -9.50 16.08
CA LYS A 235 -20.14 -10.49 16.42
C LYS A 235 -20.44 -10.60 17.91
N TYR A 236 -19.39 -10.72 18.71
CA TYR A 236 -19.49 -10.93 20.16
C TYR A 236 -20.37 -9.88 20.81
N PHE A 237 -20.35 -8.67 20.27
CA PHE A 237 -21.12 -7.60 20.87
C PHE A 237 -22.31 -7.15 20.05
N GLY A 238 -22.65 -7.96 19.03
CA GLY A 238 -23.74 -7.64 18.13
C GLY A 238 -23.59 -6.24 17.54
N ALA A 239 -22.37 -5.88 17.14
CA ALA A 239 -22.12 -4.47 16.79
C ALA A 239 -22.19 -4.18 15.27
N GLU A 240 -22.87 -5.05 14.52
CA GLU A 240 -22.93 -4.95 13.06
C GLU A 240 -23.51 -3.63 12.59
N SER A 241 -24.69 -3.30 13.08
CA SER A 241 -25.36 -2.05 12.73
C SER A 241 -24.52 -0.85 13.12
N ARG A 242 -23.88 -0.95 14.29
CA ARG A 242 -23.06 0.14 14.79
C ARG A 242 -21.91 0.39 13.81
N GLU A 243 -21.28 -0.70 13.34
CA GLU A 243 -20.17 -0.64 12.40
C GLU A 243 -20.58 -0.15 11.02
N GLU A 244 -21.77 -0.55 10.60
CA GLU A 244 -22.29 -0.09 9.32
C GLU A 244 -22.53 1.42 9.36
N ALA A 245 -23.15 1.89 10.43
CA ALA A 245 -23.47 3.30 10.56
C ALA A 245 -22.16 4.09 10.61
N ARG A 246 -21.22 3.52 11.35
CA ARG A 246 -19.93 4.16 11.50
C ARG A 246 -19.16 4.22 10.14
N TYR A 247 -19.23 3.17 9.32
CA TYR A 247 -18.64 3.24 7.99
C TYR A 247 -19.41 4.24 7.11
N ALA A 248 -20.72 4.22 7.23
CA ALA A 248 -21.59 5.05 6.41
C ALA A 248 -21.31 6.53 6.56
N SER A 249 -21.12 6.99 7.79
CA SER A 249 -20.87 8.43 7.99
C SER A 249 -19.54 8.86 7.37
N ALA A 250 -18.51 8.05 7.56
CA ALA A 250 -17.21 8.33 6.99
C ALA A 250 -17.28 8.30 5.44
N ALA A 251 -18.03 7.34 4.93
CA ALA A 251 -18.17 7.19 3.49
C ALA A 251 -18.91 8.39 2.90
N ARG A 252 -19.85 8.94 3.65
CA ARG A 252 -20.52 10.17 3.22
C ARG A 252 -19.59 11.37 3.25
N ALA A 253 -18.76 11.49 4.29
CA ALA A 253 -17.81 12.61 4.34
C ALA A 253 -16.87 12.57 3.13
N TYR A 254 -16.42 11.35 2.81
CA TYR A 254 -15.60 11.14 1.62
C TYR A 254 -16.34 11.50 0.33
N ALA A 255 -17.59 11.05 0.20
CA ALA A 255 -18.36 11.35 -1.00
C ALA A 255 -18.52 12.87 -1.20
N ASP A 256 -18.73 13.60 -0.11
CA ASP A 256 -18.88 15.05 -0.20
C ASP A 256 -17.57 15.67 -0.72
N ALA A 257 -16.46 15.27 -0.10
CA ALA A 257 -15.17 15.80 -0.53
C ALA A 257 -14.81 15.44 -1.99
N ALA A 258 -15.19 14.23 -2.42
CA ALA A 258 -14.96 13.73 -3.78
C ALA A 258 -15.78 14.53 -4.79
N VAL A 259 -17.01 14.86 -4.42
CA VAL A 259 -17.86 15.64 -5.32
C VAL A 259 -17.24 17.03 -5.52
N LYS A 260 -16.80 17.67 -4.44
CA LYS A 260 -16.15 18.98 -4.58
C LYS A 260 -14.88 18.89 -5.45
N SER A 261 -14.07 17.87 -5.18
CA SER A 261 -12.82 17.71 -5.92
C SER A 261 -13.05 17.50 -7.43
N GLU A 262 -13.98 16.61 -7.78
CA GLU A 262 -14.27 16.36 -9.20
C GLU A 262 -14.92 17.56 -9.89
N ASN A 263 -15.78 18.26 -9.17
CA ASN A 263 -16.45 19.43 -9.72
C ASN A 263 -15.45 20.51 -10.12
N SER A 264 -14.46 20.71 -9.27
CA SER A 264 -13.44 21.73 -9.53
C SER A 264 -12.68 21.47 -10.85
N LEU A 265 -12.56 20.20 -11.25
CA LEU A 265 -12.00 19.85 -12.55
C LEU A 265 -12.82 20.46 -13.69
N GLY A 266 -14.14 20.42 -13.53
CA GLY A 266 -15.06 21.02 -14.50
C GLY A 266 -14.81 22.52 -14.58
N LEU A 267 -14.63 23.16 -13.42
CA LEU A 267 -14.29 24.58 -13.46
C LEU A 267 -12.99 24.87 -14.21
N LEU A 268 -11.96 24.05 -14.00
CA LEU A 268 -10.71 24.25 -14.72
C LEU A 268 -10.88 24.08 -16.24
N ASN A 269 -11.62 23.05 -16.65
CA ASN A 269 -11.82 22.78 -18.08
C ASN A 269 -12.57 23.91 -18.77
N ILE A 270 -13.60 24.41 -18.08
CA ILE A 270 -14.36 25.54 -18.59
C ILE A 270 -13.52 26.80 -18.72
N ALA A 271 -12.71 27.11 -17.68
CA ALA A 271 -11.83 28.28 -17.77
C ALA A 271 -10.85 28.16 -18.95
N GLN A 272 -10.25 26.98 -19.10
CA GLN A 272 -9.28 26.75 -20.16
C GLN A 272 -9.93 26.94 -21.54
N ALA A 273 -11.15 26.40 -21.69
CA ALA A 273 -11.85 26.46 -22.95
C ALA A 273 -12.28 27.88 -23.30
N LEU A 274 -12.60 28.65 -22.27
CA LEU A 274 -12.96 30.05 -22.45
C LEU A 274 -11.77 30.81 -23.04
N ILE A 275 -10.61 30.65 -22.43
CA ILE A 275 -9.43 31.35 -22.93
C ILE A 275 -9.09 30.94 -24.38
N VAL A 276 -8.98 29.62 -24.57
CA VAL A 276 -8.63 29.07 -25.87
C VAL A 276 -9.58 29.56 -26.97
N ASN A 277 -10.88 29.47 -26.70
CA ASN A 277 -11.87 29.82 -27.71
C ASN A 277 -12.06 31.32 -27.95
N LEU A 278 -11.75 32.14 -26.95
CA LEU A 278 -11.66 33.57 -27.21
C LEU A 278 -10.53 33.80 -28.23
N LEU A 279 -9.36 33.20 -27.98
CA LEU A 279 -8.25 33.36 -28.91
C LEU A 279 -8.60 32.85 -30.32
N ALA A 281 -11.63 32.62 -31.73
CA ALA A 281 -12.57 33.56 -32.33
C ALA A 281 -11.83 34.77 -32.90
N GLY A 282 -10.95 35.35 -32.09
CA GLY A 282 -10.22 36.52 -32.52
C GLY A 282 -9.31 36.27 -33.70
N ALA A 283 -8.51 35.20 -33.64
CA ALA A 283 -7.55 34.89 -34.69
C ALA A 283 -8.23 34.57 -36.00
N ALA A 285 -11.37 35.46 -36.94
CA ALA A 285 -11.99 36.69 -37.42
C ALA A 285 -10.96 37.58 -38.11
N TRP A 286 -9.81 37.72 -37.47
CA TRP A 286 -8.72 38.54 -37.98
C TRP A 286 -8.20 38.01 -39.30
N THR A 287 -8.13 36.69 -39.42
CA THR A 287 -7.64 36.05 -40.65
C THR A 287 -8.60 36.23 -41.83
N VAL A 288 -9.90 36.06 -41.59
CA VAL A 288 -10.88 36.26 -42.65
C VAL A 288 -10.93 37.74 -43.05
N TYR A 289 -10.80 38.62 -42.07
CA TYR A 289 -10.77 40.05 -42.35
C TYR A 289 -9.57 40.35 -43.24
N GLY A 290 -8.43 39.73 -42.93
CA GLY A 290 -7.23 39.86 -43.74
C GLY A 290 -7.44 39.31 -45.14
N TRP A 291 -8.28 38.28 -45.25
CA TRP A 291 -8.62 37.74 -46.56
C TRP A 291 -9.43 38.76 -47.35
N SER A 292 -10.31 39.48 -46.65
CA SER A 292 -11.22 40.45 -47.29
C SER A 292 -10.48 41.54 -48.02
N GLN A 293 -9.30 41.87 -47.54
CA GLN A 293 -8.52 42.95 -48.10
C GLN A 293 -7.49 42.46 -49.11
N GLY A 294 -7.55 41.18 -49.45
CA GLY A 294 -6.66 40.60 -50.43
C GLY A 294 -5.28 40.27 -49.89
N LYS A 295 -5.08 40.50 -48.60
CA LYS A 295 -3.81 40.18 -47.95
C LYS A 295 -3.59 38.69 -47.69
N LEU A 296 -4.66 37.97 -47.39
CA LEU A 296 -4.55 36.57 -46.99
C LEU A 296 -5.39 35.62 -47.82
N THR A 297 -4.93 34.38 -47.96
CA THR A 297 -5.71 33.36 -48.66
C THR A 297 -6.73 32.69 -47.74
N VAL A 298 -7.68 31.96 -48.33
CA VAL A 298 -8.66 31.21 -47.55
C VAL A 298 -7.97 30.02 -46.85
N GLY A 299 -6.90 29.52 -47.46
CA GLY A 299 -6.10 28.45 -46.88
C GLY A 299 -5.47 28.90 -45.57
N ASP A 300 -5.24 30.21 -45.48
CA ASP A 300 -4.66 30.81 -44.30
C ASP A 300 -5.57 30.65 -43.08
N LEU A 301 -6.87 30.61 -43.30
CA LEU A 301 -7.82 30.41 -42.20
C LEU A 301 -7.61 29.04 -41.55
N VAL A 302 -7.58 28.02 -42.42
CA VAL A 302 -7.32 26.65 -42.02
C VAL A 302 -5.93 26.51 -41.36
N PHE A 303 -4.96 27.24 -41.90
CA PHE A 303 -3.62 27.25 -41.37
C PHE A 303 -3.61 27.79 -39.93
N VAL A 304 -4.21 28.96 -39.72
CA VAL A 304 -4.21 29.57 -38.40
C VAL A 304 -4.96 28.71 -37.37
N ASN A 305 -6.14 28.22 -37.75
CA ASN A 305 -6.95 27.38 -36.89
C ASN A 305 -6.17 26.11 -36.47
N THR A 306 -5.56 25.48 -37.46
CA THR A 306 -4.77 24.28 -37.20
C THR A 306 -3.58 24.56 -36.28
N TYR A 307 -2.85 25.64 -36.53
CA TYR A 307 -1.70 25.98 -35.70
C TYR A 307 -2.13 26.18 -34.24
N LEU A 308 -3.24 26.89 -34.05
CA LEU A 308 -3.72 27.16 -32.71
C LEU A 308 -4.18 25.89 -31.95
N THR A 309 -4.90 24.99 -32.63
CA THR A 309 -5.35 23.77 -31.96
C THR A 309 -4.20 22.81 -31.67
N GLN A 310 -3.23 22.74 -32.58
CA GLN A 310 -2.04 21.96 -32.29
C GLN A 310 -1.27 22.51 -31.09
N LEU A 311 -1.20 23.84 -30.99
CA LEU A 311 -0.49 24.49 -29.89
C LEU A 311 -1.17 24.21 -28.55
N PHE A 312 -2.49 24.27 -28.53
CA PHE A 312 -3.18 24.13 -27.25
C PHE A 312 -3.50 22.67 -26.91
N ARG A 313 -3.19 21.72 -27.79
CA ARG A 313 -3.45 20.32 -27.44
C ARG A 313 -2.66 19.77 -26.23
N PRO A 314 -1.32 19.88 -26.22
CA PRO A 314 -0.63 19.41 -25.01
C PRO A 314 -0.97 20.23 -23.76
N LEU A 315 -1.34 21.49 -23.95
CA LEU A 315 -1.71 22.35 -22.83
C LEU A 315 -3.07 21.97 -22.22
N ASP A 316 -3.76 21.02 -22.84
CA ASP A 316 -5.03 20.60 -22.27
C ASP A 316 -4.82 19.80 -20.98
N LEU A 318 -2.42 20.73 -18.78
CA LEU A 318 -1.49 21.54 -18.02
C LEU A 318 -1.73 21.47 -16.50
N GLY A 319 -2.98 21.28 -16.11
CA GLY A 319 -3.33 21.19 -14.71
C GLY A 319 -2.63 20.02 -14.07
N VAL A 321 -0.26 18.15 -15.41
CA VAL A 321 1.17 18.32 -15.62
C VAL A 321 1.77 19.18 -14.50
N TYR A 322 1.12 20.29 -14.19
CA TYR A 322 1.61 21.20 -13.17
C TYR A 322 1.64 20.48 -11.81
N ARG A 323 0.53 19.82 -11.46
CA ARG A 323 0.47 19.14 -10.16
C ARG A 323 1.55 18.08 -10.03
N THR A 324 1.77 17.33 -11.09
CA THR A 324 2.69 16.21 -11.01
C THR A 324 4.16 16.64 -11.03
N ILE A 325 4.49 17.61 -11.90
CA ILE A 325 5.88 18.08 -11.95
C ILE A 325 6.27 18.69 -10.61
N ARG A 326 5.33 19.38 -9.98
CA ARG A 326 5.57 19.99 -8.70
C ARG A 326 5.84 18.94 -7.61
N GLN A 327 4.97 17.94 -7.51
CA GLN A 327 5.09 16.89 -6.52
C GLN A 327 6.34 16.08 -6.80
N GLY A 328 6.63 15.90 -8.09
CA GLY A 328 7.79 15.17 -8.50
C GLY A 328 9.05 15.85 -8.03
N LEU A 329 9.11 17.18 -8.19
CA LEU A 329 10.29 17.95 -7.76
C LEU A 329 10.50 17.94 -6.26
N ILE A 330 9.39 17.99 -5.54
CA ILE A 330 9.44 17.89 -4.10
C ILE A 330 9.99 16.52 -3.71
N ASP A 331 9.45 15.45 -4.30
CA ASP A 331 9.87 14.09 -3.92
C ASP A 331 11.34 13.85 -4.23
N ALA A 333 13.72 16.24 -4.45
CA ALA A 333 14.55 17.06 -3.57
C ALA A 333 14.77 16.35 -2.23
N GLU A 334 13.75 15.61 -1.80
CA GLU A 334 13.84 14.75 -0.62
C GLU A 334 14.90 13.64 -0.80
N PHE A 336 17.55 13.91 -2.63
CA PHE A 336 18.86 14.58 -2.63
C PHE A 336 19.25 15.06 -1.24
N ARG A 337 18.24 15.40 -0.43
CA ARG A 337 18.49 15.72 0.97
C ARG A 337 19.08 14.49 1.71
N LEU A 338 18.58 13.27 1.45
CA LEU A 338 19.15 12.07 2.07
C LEU A 338 20.59 11.81 1.62
N ILE A 339 20.82 11.92 0.33
CA ILE A 339 22.15 11.71 -0.23
C ILE A 339 23.12 12.74 0.36
N ASP A 340 22.61 13.92 0.69
CA ASP A 340 23.47 14.96 1.25
C ASP A 340 23.75 14.81 2.72
N THR A 341 22.83 14.16 3.45
CA THR A 341 22.97 14.01 4.90
C THR A 341 24.32 13.40 5.24
N HIS A 342 25.00 13.97 6.22
CA HIS A 342 26.38 13.56 6.47
C HIS A 342 26.46 12.31 7.33
N ILE A 343 27.57 11.59 7.14
CA ILE A 343 27.79 10.26 7.74
C ILE A 343 28.49 10.38 9.08
N GLU A 344 27.80 10.01 10.15
CA GLU A 344 28.39 10.11 11.48
C GLU A 344 29.68 9.24 11.62
N VAL A 345 29.62 8.01 11.17
CA VAL A 345 30.74 7.09 11.35
C VAL A 345 31.38 6.70 10.03
N ALA A 346 32.57 7.20 9.76
CA ALA A 346 33.22 6.90 8.49
C ALA A 346 34.61 6.32 8.69
N ASP A 347 35.09 5.61 7.67
CA ASP A 347 36.48 5.21 7.67
C ASP A 347 37.28 6.49 7.55
N VAL A 348 38.43 6.53 8.20
CA VAL A 348 39.35 7.63 7.97
C VAL A 348 39.92 7.49 6.53
N PRO A 349 40.47 8.59 5.97
CA PRO A 349 41.08 8.45 4.64
C PRO A 349 42.19 7.38 4.63
N ASN A 350 42.21 6.51 3.62
CA ASN A 350 43.25 5.49 3.45
C ASN A 350 43.36 4.51 4.64
N ALA A 351 42.22 4.17 5.23
CA ALA A 351 42.21 3.33 6.41
C ALA A 351 42.72 1.95 6.11
N PRO A 352 43.68 1.47 6.93
CA PRO A 352 44.15 0.10 6.75
C PRO A 352 43.08 -0.88 7.24
N ALA A 353 43.21 -2.13 6.79
CA ALA A 353 42.37 -3.19 7.29
C ALA A 353 42.80 -3.49 8.71
N LEU A 354 41.85 -3.83 9.57
CA LEU A 354 42.18 -4.35 10.89
C LEU A 354 42.84 -5.72 10.69
N VAL A 355 43.97 -5.96 11.36
CA VAL A 355 44.62 -7.25 11.26
C VAL A 355 44.68 -8.04 12.58
N VAL A 356 43.80 -9.02 12.70
CA VAL A 356 43.65 -9.79 13.93
C VAL A 356 44.50 -11.05 13.96
N ASN A 357 45.66 -10.98 14.60
CA ASN A 357 46.49 -12.16 14.81
C ASN A 357 46.27 -12.77 16.20
N ARG A 358 46.08 -11.91 17.19
CA ARG A 358 45.71 -12.34 18.53
C ARG A 358 44.49 -11.52 18.98
N PRO A 359 43.31 -12.18 19.04
CA PRO A 359 42.05 -11.44 19.14
C PRO A 359 41.73 -10.90 20.54
N SER A 360 42.55 -9.98 21.04
CA SER A 360 42.24 -9.31 22.29
C SER A 360 41.33 -8.11 22.05
N VAL A 361 40.59 -7.72 23.08
CA VAL A 361 39.72 -6.56 23.05
C VAL A 361 39.98 -5.60 24.22
N THR A 362 40.24 -4.34 23.93
CA THR A 362 40.54 -3.35 24.97
C THR A 362 39.60 -2.17 24.91
N PHE A 363 38.96 -1.86 26.04
CA PHE A 363 38.29 -0.59 26.21
C PHE A 363 39.27 0.30 26.97
N ASP A 364 39.68 1.38 26.32
CA ASP A 364 40.63 2.30 26.90
C ASP A 364 39.93 3.64 27.23
N ASN A 365 39.52 3.75 28.49
CA ASN A 365 38.96 4.96 29.07
C ASN A 365 37.77 5.56 28.29
N VAL A 366 36.77 4.73 28.03
CA VAL A 366 35.71 5.10 27.10
C VAL A 366 34.62 5.94 27.74
N VAL A 367 34.40 7.12 27.15
CA VAL A 367 33.30 8.01 27.53
C VAL A 367 32.32 8.02 26.36
N PHE A 368 31.06 7.74 26.63
CA PHE A 368 30.11 7.64 25.55
C PHE A 368 28.67 7.83 26.01
N GLY A 369 27.82 8.32 25.11
CA GLY A 369 26.38 8.32 25.32
C GLY A 369 25.70 8.37 23.96
N TYR A 370 24.44 7.96 23.87
CA TYR A 370 23.73 8.08 22.60
C TYR A 370 23.50 9.53 22.27
N ASP A 371 23.21 10.34 23.29
CA ASP A 371 23.00 11.77 23.09
C ASP A 371 23.86 12.59 24.02
N ARG A 372 24.34 13.73 23.53
CA ARG A 372 25.32 14.55 24.28
C ARG A 372 24.85 15.08 25.61
N ASP A 373 23.54 15.06 25.86
CA ASP A 373 23.04 15.47 27.17
C ASP A 373 22.90 14.30 28.19
N ARG A 374 23.31 13.10 27.80
CA ARG A 374 23.21 11.95 28.69
C ARG A 374 24.37 10.96 28.52
N GLU A 375 25.43 11.19 29.27
CA GLU A 375 26.60 10.34 29.24
C GLU A 375 26.27 9.05 29.98
N ILE A 376 26.59 7.91 29.36
CA ILE A 376 26.36 6.59 29.92
C ILE A 376 27.63 5.93 30.44
N LEU A 377 28.65 5.85 29.61
CA LEU A 377 29.96 5.37 30.06
C LEU A 377 30.81 6.57 30.50
N HIS A 378 31.40 6.46 31.67
CA HIS A 378 32.08 7.59 32.26
C HIS A 378 33.60 7.43 32.29
N GLY A 379 34.14 6.58 31.45
CA GLY A 379 35.57 6.27 31.48
C GLY A 379 35.78 4.78 31.75
N LEU A 380 35.15 3.96 30.91
CA LEU A 380 35.18 2.51 31.07
C LEU A 380 36.45 1.93 30.49
N SER A 381 37.21 1.24 31.31
CA SER A 381 38.42 0.57 30.85
C SER A 381 38.38 -0.89 31.24
N PHE A 382 38.67 -1.76 30.28
CA PHE A 382 38.85 -3.18 30.58
C PHE A 382 39.60 -3.91 29.46
N GLU A 383 40.19 -5.03 29.82
CA GLU A 383 40.98 -5.83 28.90
C GLU A 383 40.42 -7.24 28.79
N VAL A 384 40.09 -7.66 27.58
CA VAL A 384 39.63 -9.03 27.35
C VAL A 384 40.75 -9.84 26.69
N ALA A 385 41.18 -10.88 27.37
CA ALA A 385 42.30 -11.70 26.88
C ALA A 385 41.90 -12.51 25.65
N ALA A 386 42.87 -12.73 24.78
CA ALA A 386 42.62 -13.49 23.57
C ALA A 386 42.27 -14.94 23.94
N GLY A 387 41.11 -15.39 23.48
CA GLY A 387 40.67 -16.75 23.67
C GLY A 387 39.94 -17.01 24.97
N SER A 388 39.82 -16.00 25.82
CA SER A 388 39.08 -16.20 27.08
C SER A 388 37.59 -16.00 26.85
N ARG A 389 36.79 -16.60 27.74
CA ARG A 389 35.36 -16.38 27.77
C ARG A 389 35.05 -15.45 28.92
N VAL A 390 34.58 -14.25 28.62
CA VAL A 390 34.33 -13.28 29.67
C VAL A 390 32.89 -12.82 29.63
N ALA A 391 32.36 -12.42 30.78
CA ALA A 391 31.01 -11.87 30.82
C ALA A 391 31.01 -10.43 31.32
N ILE A 392 30.02 -9.68 30.88
CA ILE A 392 29.85 -8.33 31.34
C ILE A 392 28.46 -8.20 31.92
N VAL A 393 28.41 -7.83 33.19
CA VAL A 393 27.15 -7.73 33.91
C VAL A 393 27.15 -6.44 34.72
N GLY A 394 25.96 -5.97 35.06
CA GLY A 394 25.84 -4.84 35.96
C GLY A 394 24.39 -4.54 36.26
N PRO A 395 24.14 -3.62 37.20
CA PRO A 395 22.74 -3.22 37.41
C PRO A 395 22.26 -2.18 36.39
N SER A 396 21.07 -1.62 36.62
CA SER A 396 20.31 -0.88 35.61
C SER A 396 21.00 0.29 34.89
N GLY A 397 21.91 1.00 35.56
CA GLY A 397 22.54 2.14 34.90
C GLY A 397 23.97 1.93 34.43
N ALA A 398 24.40 0.67 34.37
CA ALA A 398 25.81 0.35 34.18
C ALA A 398 26.33 0.70 32.77
N GLY A 399 25.44 0.68 31.78
CA GLY A 399 25.82 0.92 30.41
C GLY A 399 26.29 -0.28 29.60
N LYS A 400 26.05 -1.50 30.10
CA LYS A 400 26.54 -2.69 29.38
C LYS A 400 25.89 -2.84 27.99
N SER A 401 24.67 -2.35 27.85
CA SER A 401 23.97 -2.40 26.58
C SER A 401 24.61 -1.57 25.45
N THR A 402 25.67 -0.82 25.75
CA THR A 402 26.37 -0.04 24.75
C THR A 402 27.54 -0.81 24.17
N ILE A 403 28.01 -1.82 24.91
CA ILE A 403 29.28 -2.47 24.56
C ILE A 403 29.31 -2.98 23.09
N ALA A 404 28.34 -3.80 22.74
CA ALA A 404 28.26 -4.38 21.42
C ALA A 404 28.22 -3.28 20.33
N ARG A 405 27.38 -2.26 20.57
CA ARG A 405 27.17 -1.22 19.58
C ARG A 405 28.46 -0.42 19.39
N LEU A 406 29.24 -0.28 20.45
CA LEU A 406 30.49 0.43 20.31
C LEU A 406 31.47 -0.45 19.55
N LEU A 407 31.44 -1.72 19.85
CA LEU A 407 32.45 -2.65 19.35
C LEU A 407 32.32 -2.86 17.82
N PHE A 408 31.09 -2.83 17.34
CA PHE A 408 30.78 -2.96 15.93
C PHE A 408 30.85 -1.58 15.28
N ARG A 409 31.21 -0.59 16.09
CA ARG A 409 31.32 0.79 15.67
C ARG A 409 30.04 1.32 15.00
N PHE A 410 28.90 1.00 15.59
CA PHE A 410 27.65 1.69 15.27
C PHE A 410 27.81 3.15 15.74
N TYR A 411 28.63 3.36 16.77
CA TYR A 411 28.92 4.71 17.24
C TYR A 411 30.38 4.78 17.63
N ASP A 412 30.90 6.00 17.72
CA ASP A 412 32.25 6.21 18.23
C ASP A 412 32.21 6.73 19.68
N PRO A 413 33.23 6.39 20.47
CA PRO A 413 33.35 7.04 21.78
C PRO A 413 33.48 8.55 21.64
N TRP A 414 32.90 9.28 22.60
CA TRP A 414 33.13 10.71 22.77
C TRP A 414 34.59 10.91 23.19
N GLU A 415 35.07 10.02 24.05
CA GLU A 415 36.45 10.08 24.52
C GLU A 415 36.96 8.67 24.69
N GLY A 416 38.27 8.50 24.62
CA GLY A 416 38.85 7.18 24.77
C GLY A 416 38.76 6.37 23.49
N ARG A 417 39.07 5.08 23.57
CA ARG A 417 39.09 4.29 22.37
C ARG A 417 38.92 2.81 22.66
N ILE A 418 38.59 2.08 21.62
CA ILE A 418 38.48 0.64 21.66
C ILE A 418 39.52 0.04 20.71
N LEU A 419 40.25 -0.94 21.21
CA LEU A 419 41.26 -1.62 20.39
C LEU A 419 40.92 -3.10 20.21
N ILE A 420 41.18 -3.61 19.02
CA ILE A 420 41.19 -5.06 18.83
C ILE A 420 42.59 -5.43 18.35
N ASP A 421 43.22 -6.39 19.00
CA ASP A 421 44.63 -6.71 18.74
C ASP A 421 45.54 -5.47 18.72
N GLY A 422 45.38 -4.59 19.70
CA GLY A 422 46.22 -3.41 19.80
C GLY A 422 45.98 -2.33 18.74
N GLN A 423 44.89 -2.49 17.98
CA GLN A 423 44.58 -1.57 16.90
C GLN A 423 43.30 -0.83 17.19
N ASP A 424 43.36 0.49 17.13
CA ASP A 424 42.21 1.35 17.41
C ASP A 424 41.14 1.11 16.36
N ILE A 425 39.96 0.67 16.77
CA ILE A 425 38.97 0.29 15.77
C ILE A 425 38.41 1.48 15.00
N ALA A 426 38.65 2.69 15.51
CA ALA A 426 38.21 3.90 14.83
C ALA A 426 39.06 4.26 13.62
N HIS A 427 40.25 3.65 13.53
CA HIS A 427 41.20 3.99 12.47
C HIS A 427 41.32 2.90 11.39
N VAL A 428 40.46 1.90 11.44
CA VAL A 428 40.49 0.83 10.44
C VAL A 428 39.25 0.85 9.56
N THR A 429 39.27 0.08 8.49
CA THR A 429 38.07 -0.05 7.71
C THR A 429 36.99 -0.75 8.51
N GLN A 430 35.78 -0.23 8.38
CA GLN A 430 34.64 -0.79 9.05
C GLN A 430 34.39 -2.25 8.62
N THR A 431 34.60 -2.58 7.34
CA THR A 431 34.32 -3.94 6.90
C THR A 431 35.21 -5.00 7.53
N SER A 432 36.49 -4.70 7.71
CA SER A 432 37.40 -5.65 8.32
C SER A 432 37.10 -5.80 9.83
N LEU A 433 36.82 -4.66 10.46
CA LEU A 433 36.44 -4.64 11.85
C LEU A 433 35.26 -5.58 12.04
N ARG A 434 34.23 -5.43 11.21
CA ARG A 434 33.06 -6.26 11.41
C ARG A 434 33.31 -7.71 10.99
N ALA A 435 34.24 -7.92 10.05
CA ALA A 435 34.62 -9.29 9.72
C ALA A 435 35.17 -9.99 10.94
N ALA A 436 35.76 -9.23 11.87
CA ALA A 436 36.36 -9.89 13.04
C ALA A 436 35.34 -10.24 14.14
N LEU A 437 34.10 -9.79 14.00
CA LEU A 437 33.13 -9.91 15.07
C LEU A 437 31.88 -10.72 14.76
N GLY A 438 31.56 -11.62 15.68
CA GLY A 438 30.30 -12.33 15.61
C GLY A 438 29.38 -11.78 16.68
N ILE A 439 28.08 -11.88 16.44
CA ILE A 439 27.12 -11.48 17.45
C ILE A 439 25.86 -12.35 17.41
N VAL A 440 25.39 -12.74 18.59
CA VAL A 440 24.05 -13.25 18.76
C VAL A 440 23.32 -12.24 19.63
N PRO A 441 22.48 -11.42 19.00
CA PRO A 441 21.73 -10.39 19.73
C PRO A 441 20.51 -10.94 20.44
N GLN A 442 19.88 -10.13 21.26
CA GLN A 442 18.69 -10.56 21.98
C GLN A 442 17.53 -10.92 21.04
N ASP A 443 17.20 -10.03 20.10
CA ASP A 443 16.10 -10.27 19.16
C ASP A 443 16.67 -10.51 17.79
N SER A 444 16.64 -11.75 17.31
CA SER A 444 17.21 -11.94 16.00
C SER A 444 16.13 -11.76 14.95
N VAL A 445 16.51 -11.13 13.85
CA VAL A 445 15.56 -10.82 12.81
C VAL A 445 15.96 -11.62 11.59
N LEU A 446 14.96 -12.16 10.90
CA LEU A 446 15.19 -12.93 9.70
C LEU A 446 14.80 -12.13 8.46
N PHE A 447 15.58 -12.29 7.39
CA PHE A 447 15.13 -11.73 6.12
C PHE A 447 13.91 -12.50 5.62
N ASN A 448 13.12 -11.85 4.77
CA ASN A 448 11.99 -12.51 4.14
C ASN A 448 12.49 -13.35 2.97
N ASP A 449 13.08 -14.48 3.31
CA ASP A 449 13.68 -15.39 2.35
C ASP A 449 13.74 -16.76 2.99
N THR A 450 14.40 -17.71 2.34
CA THR A 450 14.41 -19.07 2.85
C THR A 450 15.29 -19.13 4.11
N ILE A 451 15.08 -20.17 4.90
CA ILE A 451 15.90 -20.39 6.10
C ILE A 451 17.37 -20.60 5.70
N GLY A 452 17.59 -21.30 4.59
CA GLY A 452 18.94 -21.50 4.09
C GLY A 452 19.61 -20.17 3.71
N TYR A 453 18.86 -19.29 3.06
CA TYR A 453 19.40 -17.99 2.72
C TYR A 453 19.84 -17.27 4.00
N ASN A 454 19.00 -17.35 5.01
CA ASN A 454 19.25 -16.73 6.30
C ASN A 454 20.49 -17.27 7.01
N ILE A 455 20.74 -18.57 6.92
CA ILE A 455 21.96 -19.10 7.50
C ILE A 455 23.20 -18.73 6.65
N ALA A 456 23.08 -18.81 5.32
CA ALA A 456 24.19 -18.52 4.43
C ALA A 456 24.61 -17.06 4.54
N TYR A 457 23.67 -16.22 4.98
CA TYR A 457 23.93 -14.80 5.13
C TYR A 457 25.17 -14.45 5.95
N GLY A 458 25.60 -15.38 6.81
CA GLY A 458 26.79 -15.18 7.61
C GLY A 458 28.06 -14.97 6.78
N ARG A 459 28.09 -15.48 5.56
CA ARG A 459 29.26 -15.28 4.71
C ARG A 459 28.83 -15.24 3.23
N ASP A 460 29.40 -14.29 2.48
CA ASP A 460 28.94 -13.96 1.14
C ASP A 460 28.92 -15.16 0.18
N GLY A 461 30.00 -15.94 0.13
CA GLY A 461 30.01 -17.06 -0.79
C GLY A 461 29.68 -18.43 -0.21
N ALA A 462 28.87 -18.46 0.86
CA ALA A 462 28.65 -19.69 1.63
C ALA A 462 28.05 -20.83 0.83
N SER A 463 28.74 -21.97 0.87
CA SER A 463 28.32 -23.18 0.18
C SER A 463 27.29 -23.97 0.98
N ARG A 464 26.70 -24.97 0.34
CA ARG A 464 25.73 -25.86 0.99
C ARG A 464 26.32 -26.62 2.16
N ALA A 465 27.59 -27.03 2.03
CA ALA A 465 28.28 -27.75 3.09
C ALA A 465 28.49 -26.88 4.34
N GLU A 466 28.86 -25.63 4.14
CA GLU A 466 29.07 -24.67 5.24
C GLU A 466 27.77 -24.41 6.01
N VAL A 467 26.69 -24.23 5.26
CA VAL A 467 25.36 -24.02 5.81
C VAL A 467 24.88 -25.25 6.58
N ASP A 468 25.11 -26.43 6.01
CA ASP A 468 24.73 -27.68 6.64
C ASP A 468 25.50 -27.86 7.95
N ALA A 469 26.79 -27.58 7.89
CA ALA A 469 27.70 -27.67 9.04
C ALA A 469 27.31 -26.71 10.16
N ALA A 470 26.98 -25.48 9.80
CA ALA A 470 26.53 -24.53 10.81
C ALA A 470 25.18 -24.91 11.40
N ALA A 471 24.25 -25.34 10.55
CA ALA A 471 22.94 -25.74 11.03
C ALA A 471 23.10 -26.88 12.04
N LYS A 472 24.04 -27.78 11.75
CA LYS A 472 24.37 -28.89 12.64
C LYS A 472 24.97 -28.37 13.96
N GLY A 473 25.92 -27.46 13.86
CA GLY A 473 26.57 -26.87 15.03
C GLY A 473 25.61 -26.09 15.92
N ALA A 474 24.57 -25.56 15.30
CA ALA A 474 23.59 -24.77 16.02
C ALA A 474 22.45 -25.67 16.45
N ALA A 475 22.52 -26.94 16.04
CA ALA A 475 21.50 -27.92 16.38
C ALA A 475 20.12 -27.52 15.90
N ILE A 476 20.06 -27.01 14.67
CA ILE A 476 18.79 -26.73 14.04
C ILE A 476 18.60 -27.60 12.79
N ALA A 477 19.61 -28.43 12.51
CA ALA A 477 19.64 -29.26 11.31
C ALA A 477 18.48 -30.26 11.26
N ASP A 478 18.16 -30.83 12.41
CA ASP A 478 17.05 -31.77 12.50
C ASP A 478 15.71 -31.07 12.33
N PHE A 479 15.59 -29.88 12.91
CA PHE A 479 14.36 -29.10 12.79
C PHE A 479 14.10 -28.76 11.33
N ILE A 480 15.17 -28.39 10.63
CA ILE A 480 15.08 -28.10 9.19
C ILE A 480 14.75 -29.35 8.36
N ALA A 481 15.35 -30.49 8.71
CA ALA A 481 15.11 -31.73 7.97
C ALA A 481 13.63 -32.13 8.01
N ARG A 482 12.98 -31.84 9.14
CA ARG A 482 11.55 -32.08 9.31
C ARG A 482 10.63 -31.06 8.62
N LEU A 483 11.19 -29.99 8.07
CA LEU A 483 10.38 -29.06 7.30
C LEU A 483 10.14 -29.65 5.91
N PRO A 484 8.90 -29.52 5.39
CA PRO A 484 8.54 -30.07 4.09
C PRO A 484 9.46 -29.55 2.98
N GLN A 485 9.71 -28.26 2.96
CA GLN A 485 10.58 -27.68 1.95
C GLN A 485 12.04 -27.49 2.39
N GLY A 486 12.37 -28.01 3.57
CA GLY A 486 13.74 -27.97 4.07
C GLY A 486 14.39 -26.61 4.10
N TYR A 487 15.57 -26.51 3.49
CA TYR A 487 16.28 -25.25 3.46
C TYR A 487 15.62 -24.15 2.63
N ASP A 488 14.71 -24.54 1.73
CA ASP A 488 14.01 -23.58 0.89
C ASP A 488 12.70 -23.12 1.53
N THR A 489 12.49 -23.49 2.79
CA THR A 489 11.34 -23.01 3.53
C THR A 489 11.44 -21.50 3.77
N GLU A 490 10.42 -20.77 3.34
CA GLU A 490 10.43 -19.33 3.49
C GLU A 490 10.13 -19.06 4.93
N VAL A 491 10.89 -18.14 5.53
CA VAL A 491 10.69 -17.74 6.90
C VAL A 491 10.60 -16.21 7.03
N GLY A 492 10.34 -15.75 8.25
CA GLY A 492 10.10 -14.36 8.55
C GLY A 492 8.65 -13.97 8.38
N GLU A 493 8.40 -12.68 8.19
CA GLU A 493 7.08 -12.20 7.79
C GLU A 493 6.77 -12.83 6.45
N ARG A 494 5.49 -13.10 6.21
CA ARG A 494 5.04 -13.60 4.92
C ARG A 494 5.54 -15.03 4.78
N GLY A 495 6.00 -15.59 5.90
CA GLY A 495 6.59 -16.91 5.91
C GLY A 495 6.32 -17.66 7.20
N LEU A 496 6.88 -18.86 7.29
CA LEU A 496 6.73 -19.73 8.45
C LEU A 496 7.24 -18.99 9.69
N LYS A 497 6.52 -19.16 10.80
CA LYS A 497 6.90 -18.51 12.05
C LYS A 497 7.79 -19.43 12.87
N LEU A 498 8.96 -18.92 13.25
CA LEU A 498 9.89 -19.66 14.08
C LEU A 498 9.74 -19.24 15.53
N SER A 499 9.94 -20.19 16.44
CA SER A 499 9.97 -19.89 17.86
C SER A 499 11.20 -19.04 18.16
N GLY A 500 11.27 -18.51 19.39
CA GLY A 500 12.40 -17.69 19.80
C GLY A 500 13.68 -18.49 19.77
N GLY A 501 13.61 -19.72 20.29
CA GLY A 501 14.75 -20.61 20.29
C GLY A 501 15.25 -20.91 18.88
N GLU A 502 14.33 -21.23 17.97
CA GLU A 502 14.66 -21.51 16.58
C GLU A 502 15.33 -20.31 15.85
N LYS A 503 14.81 -19.10 16.06
CA LYS A 503 15.46 -17.91 15.51
C LYS A 503 16.86 -17.72 16.05
N GLN A 504 17.02 -17.93 17.36
CA GLN A 504 18.33 -17.73 17.98
C GLN A 504 19.33 -18.77 17.49
N ARG A 505 18.83 -19.95 17.19
CA ARG A 505 19.64 -21.01 16.60
C ARG A 505 20.04 -20.68 15.15
N VAL A 506 19.13 -20.06 14.40
CA VAL A 506 19.49 -19.58 13.06
C VAL A 506 20.63 -18.54 13.18
N ALA A 507 20.53 -17.64 14.17
CA ALA A 507 21.59 -16.63 14.44
C ALA A 507 22.97 -17.24 14.80
N ILE A 508 22.92 -18.22 15.70
CA ILE A 508 24.12 -18.97 16.03
C ILE A 508 24.69 -19.58 14.74
N ALA A 509 23.82 -20.17 13.92
CA ALA A 509 24.26 -20.80 12.67
C ALA A 509 24.91 -19.78 11.72
N ARG A 510 24.35 -18.57 11.66
CA ARG A 510 24.94 -17.47 10.87
C ARG A 510 26.37 -17.18 11.29
N THR A 511 26.56 -17.03 12.60
CA THR A 511 27.90 -16.73 13.07
C THR A 511 28.84 -17.90 12.84
N LEU A 512 28.31 -19.12 12.91
CA LEU A 512 29.11 -20.29 12.59
C LEU A 512 29.56 -20.27 11.12
N VAL A 513 28.69 -19.79 10.26
CA VAL A 513 29.07 -19.63 8.86
C VAL A 513 30.16 -18.58 8.69
N LYS A 514 30.00 -17.45 9.38
CA LYS A 514 30.98 -16.38 9.35
C LYS A 514 32.35 -16.81 9.92
N ASN A 515 32.31 -17.65 10.94
CA ASN A 515 33.50 -18.07 11.66
C ASN A 515 34.44 -16.93 12.17
N PRO A 516 33.88 -15.98 12.94
CA PRO A 516 34.70 -14.87 13.47
C PRO A 516 35.60 -15.29 14.63
N PRO A 517 36.74 -14.60 14.80
CA PRO A 517 37.64 -14.85 15.94
C PRO A 517 37.10 -14.34 17.29
N ILE A 518 36.25 -13.32 17.27
CA ILE A 518 35.65 -12.77 18.49
C ILE A 518 34.13 -12.84 18.38
N LEU A 519 33.49 -13.36 19.42
CA LEU A 519 32.05 -13.60 19.37
C LEU A 519 31.34 -12.91 20.54
N LEU A 520 30.24 -12.25 20.24
CA LEU A 520 29.51 -11.53 21.27
C LEU A 520 28.13 -12.10 21.47
N PHE A 521 27.82 -12.51 22.69
CA PHE A 521 26.46 -12.86 23.02
C PHE A 521 25.87 -11.64 23.73
N ASP A 522 24.93 -10.99 23.07
CA ASP A 522 24.39 -9.73 23.57
C ASP A 522 22.97 -9.92 24.10
N GLU A 523 22.85 -10.30 25.37
CA GLU A 523 21.58 -10.66 25.96
C GLU A 523 20.92 -11.76 25.12
N ALA A 524 21.73 -12.71 24.66
CA ALA A 524 21.25 -13.70 23.70
C ALA A 524 20.09 -14.55 24.20
N THR A 525 20.02 -14.81 25.50
CA THR A 525 18.99 -15.71 25.96
C THR A 525 17.86 -15.01 26.69
N SER A 526 17.91 -13.68 26.73
CA SER A 526 17.02 -12.92 27.57
C SER A 526 15.55 -12.91 27.14
N ALA A 527 15.30 -13.18 25.86
CA ALA A 527 13.91 -13.23 25.38
C ALA A 527 13.31 -14.62 25.40
N LEU A 528 14.09 -15.61 25.85
CA LEU A 528 13.68 -17.01 25.85
C LEU A 528 13.09 -17.46 27.19
N ASP A 529 12.25 -18.50 27.15
CA ASP A 529 11.78 -19.13 28.37
C ASP A 529 12.92 -19.93 29.02
N THR A 530 12.70 -20.35 30.26
CA THR A 530 13.74 -21.00 31.06
C THR A 530 14.34 -22.26 30.42
N ARG A 531 13.50 -23.20 30.01
CA ARG A 531 14.00 -24.44 29.41
C ARG A 531 14.71 -24.20 28.08
N THR A 532 14.15 -23.33 27.25
CA THR A 532 14.77 -22.97 25.97
C THR A 532 16.15 -22.35 26.24
N GLU A 533 16.22 -21.53 27.28
CA GLU A 533 17.45 -20.84 27.64
C GLU A 533 18.52 -21.85 28.02
N GLN A 534 18.13 -22.81 28.87
CA GLN A 534 19.04 -23.86 29.31
C GLN A 534 19.48 -24.76 28.15
N ASP A 535 18.56 -25.06 27.24
CA ASP A 535 18.89 -25.86 26.07
C ASP A 535 19.94 -25.13 25.23
N ILE A 536 19.66 -23.88 24.91
CA ILE A 536 20.51 -23.13 24.01
C ILE A 536 21.89 -22.79 24.62
N LEU A 537 21.97 -22.78 25.95
CA LEU A 537 23.26 -22.48 26.58
C LEU A 537 24.39 -23.51 26.29
N SER A 538 24.05 -24.78 26.16
CA SER A 538 25.07 -25.79 25.80
C SER A 538 25.61 -25.59 24.37
N THR A 539 24.69 -25.27 23.45
CA THR A 539 25.04 -24.91 22.09
C THR A 539 25.97 -23.69 22.08
N ARG A 541 27.81 -22.49 24.44
CA ARG A 541 29.10 -22.85 25.02
C ARG A 541 29.98 -23.60 24.04
N ALA A 542 29.41 -24.55 23.30
CA ALA A 542 30.19 -25.25 22.28
C ALA A 542 30.71 -24.32 21.15
N VAL A 543 29.89 -23.37 20.70
CA VAL A 543 30.33 -22.49 19.62
C VAL A 543 31.37 -21.43 20.09
N ALA A 544 31.47 -21.24 21.40
CA ALA A 544 32.41 -20.29 21.99
C ALA A 544 33.80 -20.92 22.17
N SER A 545 34.01 -22.06 21.54
CA SER A 545 35.11 -22.97 21.87
C SER A 545 36.52 -22.38 21.86
N HIS A 546 36.97 -21.92 20.71
CA HIS A 546 38.33 -21.42 20.58
C HIS A 546 38.31 -19.97 20.15
N ARG A 547 37.26 -19.27 20.55
CA ARG A 547 37.12 -17.86 20.24
C ARG A 547 37.23 -17.00 21.49
N THR A 548 37.51 -15.72 21.27
CA THR A 548 37.32 -14.74 22.30
C THR A 548 35.83 -14.52 22.36
N THR A 549 35.26 -14.78 23.54
CA THR A 549 33.82 -14.69 23.73
C THR A 549 33.50 -13.67 24.80
N ILE A 550 32.56 -12.80 24.51
CA ILE A 550 32.11 -11.80 25.46
C ILE A 550 30.60 -11.91 25.53
N SER A 551 30.10 -12.28 26.71
CA SER A 551 28.66 -12.48 26.90
C SER A 551 28.13 -11.37 27.81
N ILE A 552 27.15 -10.61 27.33
CA ILE A 552 26.49 -9.57 28.09
C ILE A 552 25.11 -10.09 28.49
N ALA A 553 24.88 -10.27 29.79
CA ALA A 553 23.66 -10.92 30.27
C ALA A 553 23.07 -10.26 31.53
N HIS A 554 21.74 -10.31 31.64
CA HIS A 554 21.00 -9.86 32.80
C HIS A 554 21.01 -10.92 33.92
N ARG A 555 20.80 -12.18 33.56
CA ARG A 555 20.71 -13.23 34.55
C ARG A 555 22.08 -13.86 34.79
N LEU A 556 22.58 -13.66 36.02
CA LEU A 556 23.96 -14.01 36.34
C LEU A 556 24.27 -15.51 36.27
N SER A 557 23.30 -16.35 36.61
CA SER A 557 23.55 -17.80 36.62
C SER A 557 23.94 -18.31 35.23
N THR A 558 23.42 -17.66 34.19
CA THR A 558 23.75 -18.07 32.84
C THR A 558 25.20 -17.79 32.46
N ILE A 559 25.92 -17.01 33.28
CA ILE A 559 27.29 -16.66 32.91
C ILE A 559 28.32 -17.04 33.96
N ALA A 560 27.87 -17.76 34.98
CA ALA A 560 28.68 -18.09 36.14
C ALA A 560 29.90 -18.93 35.80
N ASP A 561 29.88 -19.60 34.66
CA ASP A 561 30.98 -20.46 34.26
C ASP A 561 32.09 -19.74 33.47
N SER A 562 32.00 -18.42 33.37
CA SER A 562 32.96 -17.62 32.61
C SER A 562 34.37 -17.69 33.18
N ASP A 563 35.38 -17.44 32.35
CA ASP A 563 36.77 -17.37 32.80
C ASP A 563 36.90 -16.20 33.76
N THR A 564 36.26 -15.09 33.40
CA THR A 564 36.24 -13.92 34.25
C THR A 564 34.98 -13.11 33.99
N ILE A 565 34.55 -12.36 35.00
CA ILE A 565 33.33 -11.57 34.92
C ILE A 565 33.71 -10.14 35.21
N LEU A 566 33.26 -9.23 34.34
CA LEU A 566 33.46 -7.80 34.53
C LEU A 566 32.13 -7.20 34.99
N VAL A 567 32.16 -6.58 36.15
CA VAL A 567 30.97 -5.98 36.72
C VAL A 567 31.00 -4.46 36.51
N LEU A 568 30.01 -3.97 35.77
CA LEU A 568 29.91 -2.54 35.53
C LEU A 568 28.96 -1.94 36.54
N ASP A 569 29.32 -0.78 37.04
CA ASP A 569 28.41 0.04 37.81
C ASP A 569 28.64 1.50 37.41
N GLN A 570 27.55 2.23 37.16
CA GLN A 570 27.60 3.63 36.75
C GLN A 570 28.61 3.90 35.60
N GLY A 571 28.57 3.06 34.58
CA GLY A 571 29.40 3.29 33.42
C GLY A 571 30.88 3.22 33.70
N ARG A 572 31.25 2.54 34.78
CA ARG A 572 32.65 2.19 35.04
C ARG A 572 32.80 0.76 35.49
N LEU A 573 34.03 0.25 35.46
CA LEU A 573 34.31 -1.10 35.93
C LEU A 573 34.45 -1.10 37.46
N ALA A 574 33.46 -1.68 38.13
CA ALA A 574 33.43 -1.75 39.59
C ALA A 574 34.16 -2.97 40.13
N GLU A 575 33.89 -4.13 39.51
CA GLU A 575 34.43 -5.40 40.00
C GLU A 575 34.90 -6.32 38.86
N GLN A 576 35.88 -7.17 39.16
CA GLN A 576 36.40 -8.12 38.19
C GLN A 576 36.83 -9.43 38.83
N GLY A 577 36.46 -10.55 38.24
CA GLY A 577 37.01 -11.80 38.68
C GLY A 577 36.09 -12.96 38.39
N SER A 578 36.49 -14.15 38.87
CA SER A 578 35.71 -15.36 38.63
C SER A 578 34.46 -15.27 39.49
N HIS A 579 33.47 -16.11 39.18
CA HIS A 579 32.21 -16.14 39.93
C HIS A 579 32.43 -16.37 41.44
N LEU A 580 33.34 -17.27 41.78
CA LEU A 580 33.65 -17.56 43.18
C LEU A 580 34.36 -16.40 43.88
N ASP A 581 35.33 -15.79 43.21
CA ASP A 581 36.02 -14.60 43.74
C ASP A 581 35.04 -13.45 44.01
N LEU A 582 34.08 -13.30 43.12
CA LEU A 582 33.06 -12.29 43.28
C LEU A 582 32.10 -12.62 44.43
N LEU A 583 31.76 -13.88 44.62
CA LEU A 583 30.91 -14.20 45.77
C LEU A 583 31.67 -13.95 47.08
N ARG A 584 32.97 -14.25 47.07
CA ARG A 584 33.80 -14.04 48.25
C ARG A 584 33.98 -12.57 48.61
N ARG A 585 34.16 -11.70 47.60
CA ARG A 585 34.34 -10.26 47.86
C ARG A 585 33.14 -9.59 48.52
N ASP A 586 31.97 -10.24 48.37
CA ASP A 586 30.73 -9.79 49.00
C ASP A 586 30.35 -8.37 48.61
N GLY A 587 30.65 -8.01 47.37
CA GLY A 587 30.35 -6.69 46.82
C GLY A 587 29.12 -6.68 45.94
N LEU A 588 29.17 -5.89 44.85
CA LEU A 588 28.00 -5.68 44.01
C LEU A 588 27.47 -6.96 43.33
N TYR A 589 28.38 -7.77 42.81
CA TYR A 589 28.03 -9.03 42.18
C TYR A 589 27.36 -9.98 43.18
N ALA A 590 27.89 -10.06 44.40
CA ALA A 590 27.32 -10.95 45.42
C ALA A 590 25.87 -10.54 45.75
N GLU A 591 25.64 -9.24 45.80
CA GLU A 591 24.32 -8.69 46.11
C GLU A 591 23.33 -9.01 45.00
N TRP A 593 23.64 -11.44 42.72
CA TRP A 593 23.46 -12.89 42.73
C TRP A 593 22.43 -13.32 43.78
N ALA A 594 22.58 -12.82 45.01
CA ALA A 594 21.66 -13.16 46.08
C ALA A 594 20.23 -12.71 45.73
N ARG A 595 20.11 -11.49 45.21
CA ARG A 595 18.79 -10.98 44.83
C ARG A 595 18.11 -11.80 43.73
N GLN A 596 18.86 -12.14 42.70
CA GLN A 596 18.32 -12.92 41.59
C GLN A 596 17.93 -14.33 42.06
N ALA A 597 18.76 -14.95 42.90
CA ALA A 597 18.44 -16.27 43.42
C ALA A 597 17.15 -16.25 44.25
N ALA A 598 17.00 -15.20 45.07
CA ALA A 598 15.78 -15.03 45.86
C ALA A 598 14.57 -14.82 44.95
N GLU A 599 14.75 -14.05 43.88
CA GLU A 599 13.66 -13.83 42.94
C GLU A 599 13.20 -15.17 42.35
N SER A 600 14.14 -15.94 41.80
CA SER A 600 13.79 -17.23 41.18
C SER A 600 13.20 -18.23 42.18
N ALA A 601 13.66 -18.18 43.44
CA ALA A 601 13.07 -18.99 44.50
C ALA A 601 11.60 -18.61 44.77
N GLU A 602 11.33 -17.31 44.82
CA GLU A 602 9.96 -16.85 45.03
C GLU A 602 9.03 -17.23 43.88
N VAL A 603 9.51 -17.04 42.65
CA VAL A 603 8.73 -17.42 41.46
C VAL A 603 8.47 -18.92 41.49
N SER A 604 9.49 -19.66 41.92
CA SER A 604 9.40 -21.10 42.04
C SER A 604 8.38 -21.52 43.11
N GLU A 605 8.20 -20.68 44.13
CA GLU A 605 7.23 -20.98 45.19
C GLU A 605 5.78 -21.00 44.67
N ALA A 606 5.50 -20.16 43.68
CA ALA A 606 4.16 -20.08 43.10
C ALA A 606 3.93 -21.22 42.09
N ALA A 607 3.78 -22.43 42.61
CA ALA A 607 3.44 -23.59 41.80
C ALA A 607 2.07 -24.09 42.20
N PRO B 9 -32.83 -13.20 -14.22
CA PRO B 9 -32.15 -12.08 -13.53
C PRO B 9 -30.66 -12.36 -13.37
N LYS B 10 -30.31 -13.03 -12.26
CA LYS B 10 -28.99 -13.61 -12.01
C LYS B 10 -28.77 -14.76 -12.99
N ASP B 11 -29.88 -15.31 -13.49
CA ASP B 11 -29.87 -16.37 -14.47
C ASP B 11 -29.56 -15.78 -15.85
N ALA B 12 -28.30 -15.47 -16.07
CA ALA B 12 -27.84 -14.86 -17.32
C ALA B 12 -26.38 -15.25 -17.60
N ARG B 13 -25.88 -14.79 -18.75
CA ARG B 13 -24.54 -15.16 -19.24
C ARG B 13 -23.36 -14.75 -18.34
N HIS B 14 -23.64 -14.09 -17.22
CA HIS B 14 -22.61 -13.55 -16.32
C HIS B 14 -21.46 -12.91 -17.12
N ASP B 15 -21.73 -11.74 -17.67
CA ASP B 15 -20.75 -11.01 -18.44
C ASP B 15 -20.79 -9.57 -17.97
N GLY B 16 -20.07 -8.70 -18.65
CA GLY B 16 -20.08 -7.29 -18.31
C GLY B 16 -21.51 -6.80 -18.31
N TRP B 17 -22.32 -7.31 -19.24
CA TRP B 17 -23.70 -6.87 -19.38
C TRP B 17 -24.52 -7.15 -18.12
N GLN B 18 -24.37 -8.35 -17.57
CA GLN B 18 -25.10 -8.66 -16.36
C GLN B 18 -24.68 -7.78 -15.18
N THR B 19 -23.39 -7.56 -15.03
CA THR B 19 -22.87 -6.74 -13.93
C THR B 19 -23.43 -5.32 -14.02
N LEU B 20 -23.39 -4.77 -15.24
CA LEU B 20 -23.89 -3.42 -15.50
C LEU B 20 -25.39 -3.33 -15.25
N LYS B 21 -26.11 -4.34 -15.70
CA LYS B 21 -27.55 -4.40 -15.49
C LYS B 21 -27.86 -4.44 -13.99
N ARG B 22 -27.03 -5.14 -13.22
CA ARG B 22 -27.18 -5.16 -11.75
C ARG B 22 -26.88 -3.81 -11.15
N PHE B 23 -25.93 -3.10 -11.76
CA PHE B 23 -25.54 -1.82 -11.20
C PHE B 23 -26.54 -0.72 -11.48
N LEU B 24 -27.39 -0.91 -12.50
CA LEU B 24 -28.29 0.18 -12.92
C LEU B 24 -29.23 0.74 -11.85
N PRO B 25 -29.84 -0.12 -11.01
CA PRO B 25 -30.70 0.41 -9.93
C PRO B 25 -29.97 1.38 -9.00
N TYR B 26 -28.65 1.24 -8.87
CA TYR B 26 -27.87 2.17 -8.05
C TYR B 26 -27.80 3.56 -8.67
N LEU B 27 -27.72 3.62 -10.00
CA LEU B 27 -27.71 4.92 -10.72
C LEU B 27 -29.11 5.54 -10.84
N TRP B 28 -30.13 4.70 -10.84
CA TRP B 28 -31.50 5.18 -10.93
C TRP B 28 -32.23 4.61 -9.73
N PRO B 29 -32.00 5.23 -8.56
CA PRO B 29 -32.34 4.66 -7.25
C PRO B 29 -33.78 4.23 -7.05
N ALA B 30 -34.73 5.08 -7.43
CA ALA B 30 -36.17 4.91 -7.13
C ALA B 30 -36.45 5.03 -5.64
N ASP B 31 -35.44 5.41 -4.88
CA ASP B 31 -35.58 5.81 -3.49
C ASP B 31 -35.42 7.32 -3.46
N ASN B 32 -34.48 7.79 -4.30
CA ASN B 32 -34.05 9.18 -4.33
C ASN B 32 -34.49 9.83 -5.64
N ALA B 33 -35.26 10.91 -5.58
CA ALA B 33 -35.77 11.52 -6.80
C ALA B 33 -34.94 12.72 -7.26
N VAL B 34 -34.02 13.14 -6.41
CA VAL B 34 -33.14 14.24 -6.75
C VAL B 34 -32.03 13.69 -7.61
N LEU B 35 -31.58 12.50 -7.29
CA LEU B 35 -30.56 11.84 -8.08
C LEU B 35 -31.11 11.47 -9.45
N ARG B 36 -32.39 11.08 -9.51
CA ARG B 36 -33.02 10.77 -10.78
C ARG B 36 -33.09 12.04 -11.64
N ARG B 37 -33.46 13.15 -10.99
CA ARG B 37 -33.45 14.43 -11.67
C ARG B 37 -32.06 14.73 -12.22
N ARG B 38 -31.04 14.44 -11.42
CA ARG B 38 -29.64 14.66 -11.81
C ARG B 38 -29.23 13.83 -13.02
N VAL B 39 -29.70 12.59 -13.06
CA VAL B 39 -29.42 11.70 -14.18
C VAL B 39 -30.05 12.25 -15.45
N VAL B 40 -31.29 12.70 -15.35
CA VAL B 40 -31.96 13.29 -16.51
C VAL B 40 -31.19 14.51 -17.00
N GLY B 41 -30.79 15.39 -16.07
CA GLY B 41 -30.02 16.57 -16.41
C GLY B 41 -28.71 16.23 -17.11
N ALA B 42 -28.05 15.19 -16.65
CA ALA B 42 -26.78 14.77 -17.26
C ALA B 42 -27.03 14.29 -18.69
N ILE B 43 -28.11 13.53 -18.88
CA ILE B 43 -28.42 13.05 -20.22
C ILE B 43 -28.72 14.21 -21.19
N LEU B 44 -29.48 15.19 -20.71
CA LEU B 44 -29.76 16.41 -21.48
C LEU B 44 -28.46 17.11 -21.85
N VAL B 46 -25.58 15.61 -22.26
CA VAL B 46 -24.92 14.75 -23.25
C VAL B 46 -25.49 15.07 -24.65
N LEU B 47 -26.80 15.16 -24.73
CA LEU B 47 -27.46 15.46 -25.99
C LEU B 47 -27.16 16.89 -26.50
N LEU B 48 -27.24 17.88 -25.62
CA LEU B 48 -26.90 19.26 -26.00
C LEU B 48 -25.46 19.35 -26.47
N GLY B 49 -24.57 18.69 -25.74
CA GLY B 49 -23.17 18.70 -26.07
C GLY B 49 -22.89 18.08 -27.42
N LYS B 50 -23.56 16.96 -27.71
CA LYS B 50 -23.42 16.32 -29.02
C LYS B 50 -24.00 17.14 -30.16
N ALA B 51 -25.18 17.71 -29.95
CA ALA B 51 -25.79 18.57 -30.96
C ALA B 51 -24.80 19.68 -31.27
N THR B 52 -24.20 20.22 -30.22
CA THR B 52 -23.25 21.31 -30.38
C THR B 52 -22.00 20.90 -31.19
N THR B 53 -21.35 19.81 -30.81
CA THR B 53 -20.15 19.39 -31.53
C THR B 53 -20.42 18.90 -32.97
N LEU B 54 -21.64 18.44 -33.22
CA LEU B 54 -22.03 18.07 -34.56
C LEU B 54 -22.31 19.31 -35.41
N ALA B 55 -22.91 20.33 -34.78
CA ALA B 55 -23.26 21.58 -35.44
C ALA B 55 -22.06 22.47 -35.77
N LEU B 56 -21.08 22.55 -34.88
CA LEU B 56 -19.98 23.50 -35.08
C LEU B 56 -19.15 23.35 -36.38
N PRO B 57 -18.90 22.11 -36.86
CA PRO B 57 -18.16 22.01 -38.12
C PRO B 57 -18.98 22.44 -39.35
N PHE B 58 -20.30 22.40 -39.24
CA PHE B 58 -21.14 22.95 -40.29
C PHE B 58 -20.91 24.46 -40.38
N ALA B 59 -20.75 25.09 -39.21
CA ALA B 59 -20.48 26.52 -39.14
C ALA B 59 -19.14 26.83 -39.79
N TYR B 60 -18.15 26.00 -39.53
CA TYR B 60 -16.83 26.20 -40.12
C TYR B 60 -16.89 26.04 -41.64
N LYS B 61 -17.66 25.04 -42.10
CA LYS B 61 -17.84 24.78 -43.52
C LYS B 61 -18.47 25.98 -44.26
N LYS B 62 -19.48 26.58 -43.64
CA LYS B 62 -20.15 27.72 -44.22
C LYS B 62 -19.22 28.94 -44.38
N ALA B 63 -18.34 29.14 -43.40
CA ALA B 63 -17.41 30.27 -43.41
C ALA B 63 -16.50 30.18 -44.63
N VAL B 64 -16.06 28.96 -44.90
CA VAL B 64 -15.21 28.67 -46.04
C VAL B 64 -16.01 28.78 -47.34
N ASP B 65 -17.26 28.32 -47.32
CA ASP B 65 -18.13 28.39 -48.49
C ASP B 65 -18.37 29.86 -48.87
N ALA B 66 -18.61 30.67 -47.85
CA ALA B 66 -18.84 32.10 -48.04
C ALA B 66 -17.63 32.79 -48.66
N THR B 68 -15.65 31.46 -50.72
CA THR B 68 -15.30 30.76 -51.97
C THR B 68 -16.37 30.86 -53.05
N LEU B 69 -17.58 31.23 -52.64
CA LEU B 69 -18.66 31.53 -53.57
C LEU B 69 -18.69 33.05 -53.56
N GLY B 70 -17.61 33.61 -53.05
CA GLY B 70 -17.30 35.00 -53.27
C GLY B 70 -16.89 35.18 -54.73
N GLY B 71 -17.75 35.83 -55.52
CA GLY B 71 -17.36 36.25 -56.86
C GLY B 71 -16.31 37.31 -56.57
N GLY B 72 -16.65 38.20 -55.65
CA GLY B 72 -15.76 39.25 -55.18
C GLY B 72 -15.84 39.33 -53.66
N ALA B 73 -15.38 40.44 -53.09
CA ALA B 73 -15.43 40.63 -51.64
C ALA B 73 -16.70 41.38 -51.23
N GLN B 74 -17.83 40.76 -51.52
CA GLN B 74 -19.16 41.33 -51.34
C GLN B 74 -19.65 40.76 -49.96
N PRO B 75 -20.96 40.48 -49.72
CA PRO B 75 -21.24 40.26 -48.28
C PRO B 75 -20.67 38.98 -47.68
N ALA B 76 -19.56 38.52 -48.23
CA ALA B 76 -18.89 37.31 -47.76
C ALA B 76 -18.26 37.59 -46.41
N LEU B 77 -17.74 38.81 -46.24
CA LEU B 77 -17.08 39.20 -44.99
C LEU B 77 -18.00 39.06 -43.79
N THR B 78 -19.21 39.61 -43.89
CA THR B 78 -20.15 39.56 -42.77
C THR B 78 -20.55 38.11 -42.47
N VAL B 79 -20.82 37.35 -43.52
CA VAL B 79 -21.22 35.96 -43.41
C VAL B 79 -20.09 35.08 -42.84
N ALA B 80 -18.87 35.27 -43.37
CA ALA B 80 -17.73 34.49 -42.93
C ALA B 80 -17.42 34.79 -41.46
N LEU B 81 -17.45 36.07 -41.08
CA LEU B 81 -17.25 36.49 -39.70
C LEU B 81 -18.26 35.83 -38.78
N ALA B 82 -19.53 35.91 -39.17
CA ALA B 82 -20.61 35.32 -38.37
C ALA B 82 -20.32 33.85 -38.15
N PHE B 83 -19.97 33.14 -39.22
CA PHE B 83 -19.76 31.70 -39.11
C PHE B 83 -18.52 31.27 -38.33
N VAL B 84 -17.39 31.99 -38.46
CA VAL B 84 -16.25 31.64 -37.62
C VAL B 84 -16.58 31.87 -36.13
N LEU B 85 -17.28 32.96 -35.85
CA LEU B 85 -17.69 33.23 -34.47
C LEU B 85 -18.63 32.14 -33.96
N ALA B 86 -19.51 31.66 -34.82
CA ALA B 86 -20.39 30.56 -34.44
C ALA B 86 -19.55 29.31 -34.12
N TYR B 87 -18.50 29.09 -34.90
CA TYR B 87 -17.62 27.94 -34.71
C TYR B 87 -16.88 27.98 -33.36
N ALA B 88 -16.24 29.10 -33.07
CA ALA B 88 -15.53 29.25 -31.80
C ALA B 88 -16.48 29.12 -30.60
N LEU B 89 -17.63 29.80 -30.70
CA LEU B 89 -18.62 29.71 -29.63
C LEU B 89 -19.14 28.27 -29.47
N GLY B 90 -19.24 27.56 -30.59
CA GLY B 90 -19.67 26.18 -30.58
C GLY B 90 -18.69 25.31 -29.82
N ARG B 91 -17.40 25.53 -30.05
CA ARG B 91 -16.38 24.79 -29.34
C ARG B 91 -16.48 25.01 -27.83
N PHE B 92 -16.51 26.29 -27.45
CA PHE B 92 -16.59 26.58 -26.03
C PHE B 92 -17.83 25.95 -25.41
N SER B 93 -18.95 26.00 -26.14
CA SER B 93 -20.21 25.49 -25.62
C SER B 93 -20.19 23.96 -25.46
N GLY B 94 -19.46 23.28 -26.35
CA GLY B 94 -19.36 21.85 -26.27
C GLY B 94 -18.64 21.49 -24.97
N VAL B 95 -17.52 22.16 -24.72
CA VAL B 95 -16.77 21.90 -23.49
C VAL B 95 -17.62 22.22 -22.26
N LEU B 96 -18.36 23.32 -22.32
CA LEU B 96 -19.21 23.72 -21.21
C LEU B 96 -20.27 22.67 -20.90
N PHE B 97 -20.86 22.12 -21.96
CA PHE B 97 -21.91 21.11 -21.80
C PHE B 97 -21.37 19.82 -21.21
N ASP B 98 -20.20 19.41 -21.69
CA ASP B 98 -19.55 18.22 -21.21
C ASP B 98 -19.22 18.33 -19.71
N ASN B 99 -18.61 19.46 -19.35
CA ASN B 99 -18.22 19.63 -17.97
C ASN B 99 -19.42 19.80 -17.04
N LEU B 100 -20.47 20.44 -17.54
CA LEU B 100 -21.68 20.55 -16.74
C LEU B 100 -22.36 19.17 -16.56
N ARG B 101 -22.25 18.29 -17.57
CA ARG B 101 -22.85 16.96 -17.39
C ARG B 101 -22.08 16.23 -16.31
N ASN B 102 -20.74 16.35 -16.33
CA ASN B 102 -19.94 15.66 -15.31
C ASN B 102 -20.29 16.16 -13.92
N ILE B 103 -20.35 17.49 -13.82
CA ILE B 103 -20.68 18.14 -12.56
C ILE B 103 -22.07 17.75 -12.04
N VAL B 104 -23.07 17.67 -12.93
CA VAL B 104 -24.42 17.27 -12.53
C VAL B 104 -24.49 15.81 -12.06
N PHE B 105 -23.73 14.96 -12.75
CA PHE B 105 -23.77 13.53 -12.48
C PHE B 105 -22.96 13.05 -11.26
N GLU B 106 -21.95 13.84 -10.88
CA GLU B 106 -20.94 13.36 -9.93
C GLU B 106 -21.56 12.84 -8.61
N ARG B 107 -22.53 13.57 -8.09
CA ARG B 107 -23.21 13.16 -6.87
C ARG B 107 -23.87 11.79 -7.07
N VAL B 108 -24.46 11.57 -8.23
CA VAL B 108 -25.10 10.29 -8.52
C VAL B 108 -24.06 9.18 -8.51
N GLY B 109 -22.94 9.40 -9.19
CA GLY B 109 -21.91 8.37 -9.24
C GLY B 109 -21.38 8.02 -7.86
N GLN B 110 -21.07 9.05 -7.07
CA GLN B 110 -20.56 8.85 -5.72
C GLN B 110 -21.55 8.12 -4.80
N ASP B 111 -22.84 8.46 -4.91
CA ASP B 111 -23.85 7.81 -4.08
C ASP B 111 -24.03 6.36 -4.49
N ALA B 112 -23.97 6.10 -5.80
CA ALA B 112 -24.14 4.74 -6.29
C ALA B 112 -23.02 3.84 -5.81
N THR B 113 -21.78 4.30 -5.94
CA THR B 113 -20.68 3.43 -5.49
C THR B 113 -20.61 3.32 -3.96
N ARG B 114 -21.06 4.34 -3.24
CA ARG B 114 -21.17 4.24 -1.79
C ARG B 114 -22.19 3.17 -1.36
N HIS B 115 -23.36 3.18 -1.99
CA HIS B 115 -24.39 2.21 -1.65
C HIS B 115 -23.98 0.79 -2.02
N LEU B 116 -23.25 0.66 -3.11
CA LEU B 116 -22.66 -0.65 -3.45
C LEU B 116 -21.70 -1.11 -2.32
N ALA B 117 -20.81 -0.20 -1.91
CA ALA B 117 -19.85 -0.52 -0.85
C ALA B 117 -20.52 -0.91 0.47
N GLU B 118 -21.52 -0.14 0.87
CA GLU B 118 -22.28 -0.40 2.09
C GLU B 118 -23.01 -1.74 2.03
N ASN B 119 -23.61 -2.07 0.89
CA ASN B 119 -24.24 -3.38 0.73
C ASN B 119 -23.23 -4.52 0.88
N VAL B 120 -22.04 -4.34 0.28
CA VAL B 120 -21.01 -5.38 0.41
C VAL B 120 -20.58 -5.53 1.86
N PHE B 121 -20.37 -4.39 2.53
CA PHE B 121 -19.91 -4.33 3.92
C PHE B 121 -20.91 -5.06 4.84
N ALA B 122 -22.19 -4.74 4.66
CA ALA B 122 -23.26 -5.38 5.41
C ALA B 122 -23.28 -6.89 5.18
N ARG B 123 -23.20 -7.30 3.92
CA ARG B 123 -23.24 -8.73 3.68
C ARG B 123 -22.01 -9.44 4.30
N LEU B 124 -20.84 -8.81 4.22
CA LEU B 124 -19.62 -9.41 4.78
C LEU B 124 -19.83 -9.64 6.27
N HIS B 125 -20.53 -8.71 6.92
CA HIS B 125 -20.82 -8.94 8.34
C HIS B 125 -21.82 -10.08 8.54
N LYS B 126 -22.71 -10.30 7.58
CA LYS B 126 -23.59 -11.46 7.70
C LYS B 126 -22.95 -12.83 7.41
N LEU B 127 -21.85 -12.86 6.67
CA LEU B 127 -21.25 -14.12 6.20
C LEU B 127 -20.52 -14.89 7.30
N SER B 128 -20.12 -16.13 6.98
CA SER B 128 -19.60 -17.01 8.02
C SER B 128 -18.23 -16.59 8.52
N LEU B 129 -17.90 -17.01 9.74
CA LEU B 129 -16.62 -16.75 10.36
C LEU B 129 -15.50 -17.48 9.61
N ARG B 130 -15.87 -18.54 8.90
CA ARG B 130 -14.88 -19.44 8.32
C ARG B 130 -14.30 -18.85 7.05
N PHE B 131 -14.73 -17.66 6.69
CA PHE B 131 -14.13 -16.96 5.55
C PHE B 131 -12.75 -16.39 5.88
N HIS B 132 -12.23 -16.89 7.01
CA HIS B 132 -10.85 -16.74 7.41
C HIS B 132 -10.50 -15.27 7.43
N LEU B 133 -11.32 -14.48 8.11
CA LEU B 133 -11.10 -13.04 8.17
C LEU B 133 -9.96 -12.78 9.16
N ALA B 134 -8.73 -12.86 8.63
CA ALA B 134 -7.52 -12.49 9.35
C ALA B 134 -6.37 -12.33 8.35
N ARG B 135 -5.95 -11.09 8.13
CA ARG B 135 -5.04 -10.77 7.03
C ARG B 135 -4.21 -9.56 7.42
N ARG B 136 -3.41 -9.08 6.47
CA ARG B 136 -2.62 -7.86 6.67
C ARG B 136 -3.47 -6.63 6.38
N THR B 137 -3.36 -5.63 7.24
CA THR B 137 -4.14 -4.40 7.13
C THR B 137 -3.78 -3.71 5.81
N GLY B 138 -2.47 -3.63 5.55
CA GLY B 138 -1.96 -2.99 4.35
C GLY B 138 -2.38 -3.68 3.05
N GLU B 139 -2.41 -5.01 3.06
CA GLU B 139 -2.82 -5.78 1.87
C GLU B 139 -4.27 -5.59 1.50
N VAL B 140 -5.17 -5.80 2.46
CA VAL B 140 -6.60 -5.60 2.20
C VAL B 140 -6.83 -4.15 1.80
N THR B 141 -6.16 -3.21 2.48
CA THR B 141 -6.32 -1.79 2.17
C THR B 141 -5.87 -1.49 0.73
N LYS B 142 -4.73 -2.05 0.33
CA LYS B 142 -4.22 -1.85 -1.04
C LYS B 142 -5.20 -2.40 -2.07
N VAL B 143 -5.73 -3.60 -1.79
CA VAL B 143 -6.72 -4.23 -2.65
C VAL B 143 -7.99 -3.40 -2.79
N ILE B 144 -8.51 -2.92 -1.66
CA ILE B 144 -9.71 -2.09 -1.67
C ILE B 144 -9.48 -0.71 -2.35
N GLU B 145 -8.30 -0.16 -2.15
CA GLU B 145 -7.97 1.10 -2.81
C GLU B 145 -7.96 0.91 -4.32
N ARG B 146 -7.27 -0.14 -4.76
CA ARG B 146 -7.13 -0.42 -6.18
C ARG B 146 -8.52 -0.67 -6.76
N GLY B 147 -9.32 -1.47 -6.06
CA GLY B 147 -10.65 -1.79 -6.54
C GLY B 147 -11.61 -0.62 -6.63
N THR B 148 -11.62 0.28 -5.63
CA THR B 148 -12.50 1.44 -5.71
C THR B 148 -12.09 2.32 -6.88
N LYS B 149 -10.76 2.53 -7.02
CA LYS B 149 -10.25 3.32 -8.13
C LYS B 149 -10.70 2.71 -9.47
N SER B 150 -10.62 1.38 -9.55
CA SER B 150 -11.01 0.64 -10.72
C SER B 150 -12.46 0.83 -11.09
N ILE B 151 -13.35 0.67 -10.12
CA ILE B 151 -14.77 0.86 -10.39
C ILE B 151 -15.15 2.31 -10.75
N ASP B 152 -14.52 3.28 -10.10
CA ASP B 152 -14.78 4.68 -10.42
C ASP B 152 -14.35 5.02 -11.84
N THR B 153 -13.11 4.66 -12.17
CA THR B 153 -12.60 4.93 -13.50
C THR B 153 -13.45 4.23 -14.55
N LEU B 155 -16.58 3.45 -14.34
CA LEU B 155 -17.88 4.09 -14.45
C LEU B 155 -17.80 5.39 -15.28
N TYR B 156 -16.76 6.19 -14.99
CA TYR B 156 -16.55 7.44 -15.70
C TYR B 156 -16.32 7.21 -17.21
N PHE B 157 -15.43 6.28 -17.56
CA PHE B 157 -15.17 5.97 -18.96
C PHE B 157 -16.38 5.38 -19.69
N LEU B 158 -17.15 4.52 -19.02
CA LEU B 158 -18.35 3.94 -19.64
C LEU B 158 -19.37 5.01 -19.96
N LEU B 159 -19.66 5.86 -18.99
CA LEU B 159 -20.71 6.86 -19.18
C LEU B 159 -20.30 8.04 -20.07
N PHE B 160 -19.07 8.51 -19.90
CA PHE B 160 -18.66 9.77 -20.47
C PHE B 160 -17.70 9.66 -21.66
N ASN B 161 -17.02 8.53 -21.79
CA ASN B 161 -16.19 8.32 -22.96
C ASN B 161 -16.80 7.39 -24.01
N ILE B 162 -17.20 6.19 -23.60
CA ILE B 162 -17.80 5.23 -24.52
C ILE B 162 -19.19 5.59 -25.02
N ALA B 163 -20.10 5.95 -24.11
CA ALA B 163 -21.49 6.21 -24.51
C ALA B 163 -21.68 7.43 -25.44
N PRO B 164 -21.06 8.58 -25.11
CA PRO B 164 -21.15 9.72 -26.04
C PRO B 164 -20.52 9.36 -27.38
N THR B 165 -19.41 8.62 -27.37
CA THR B 165 -18.78 8.19 -28.60
C THR B 165 -19.66 7.29 -29.45
N VAL B 166 -20.51 6.47 -28.82
CA VAL B 166 -21.45 5.65 -29.57
C VAL B 166 -22.49 6.56 -30.23
N ILE B 167 -23.01 7.51 -29.45
CA ILE B 167 -23.98 8.49 -29.96
C ILE B 167 -23.43 9.28 -31.17
N GLU B 168 -22.23 9.82 -31.00
CA GLU B 168 -21.53 10.56 -32.02
C GLU B 168 -21.23 9.71 -33.24
N LEU B 169 -20.82 8.45 -33.04
CA LEU B 169 -20.51 7.58 -34.17
C LEU B 169 -21.78 7.34 -35.00
N THR B 170 -22.90 7.08 -34.34
CA THR B 170 -24.14 6.87 -35.08
C THR B 170 -24.56 8.16 -35.84
N ALA B 171 -24.40 9.31 -35.17
CA ALA B 171 -24.74 10.59 -35.79
C ALA B 171 -23.89 10.85 -37.04
N VAL B 172 -22.58 10.66 -36.92
CA VAL B 172 -21.65 10.84 -38.01
C VAL B 172 -21.98 9.89 -39.16
N ILE B 173 -22.37 8.66 -38.84
CA ILE B 173 -22.75 7.71 -39.88
C ILE B 173 -23.95 8.24 -40.68
N VAL B 174 -24.97 8.72 -39.95
CA VAL B 174 -26.18 9.23 -40.62
C VAL B 174 -25.88 10.45 -41.49
N ILE B 175 -25.14 11.39 -40.93
CA ILE B 175 -24.82 12.64 -41.57
C ILE B 175 -23.97 12.43 -42.81
N PHE B 176 -22.95 11.57 -42.70
CA PHE B 176 -22.13 11.24 -43.86
C PHE B 176 -22.98 10.56 -44.92
N TRP B 177 -23.93 9.76 -44.45
CA TRP B 177 -24.82 9.01 -45.34
C TRP B 177 -25.65 9.97 -46.19
N LEU B 178 -26.31 10.92 -45.52
CA LEU B 178 -27.18 11.91 -46.15
C LEU B 178 -26.41 12.90 -47.01
N ASN B 179 -25.13 13.12 -46.72
CA ASN B 179 -24.44 14.19 -47.44
C ASN B 179 -23.26 13.77 -48.30
N PHE B 180 -22.88 12.50 -48.24
CA PHE B 180 -21.70 12.05 -48.98
C PHE B 180 -21.80 10.59 -49.42
N GLY B 181 -20.72 10.14 -50.05
CA GLY B 181 -20.48 8.72 -50.29
C GLY B 181 -21.47 7.96 -51.16
N LEU B 182 -21.93 6.81 -50.66
CA LEU B 182 -21.88 6.43 -49.24
C LEU B 182 -20.58 5.73 -48.89
N GLY B 183 -19.66 5.69 -49.86
CA GLY B 183 -18.36 5.11 -49.68
C GLY B 183 -17.64 5.70 -48.48
N LEU B 184 -17.94 6.96 -48.19
CA LEU B 184 -17.36 7.64 -47.04
C LEU B 184 -17.78 6.89 -45.77
N VAL B 185 -19.09 6.60 -45.67
CA VAL B 185 -19.64 5.88 -44.54
C VAL B 185 -19.01 4.51 -44.29
N THR B 186 -18.88 3.72 -45.36
CA THR B 186 -18.26 2.41 -45.23
C THR B 186 -16.79 2.56 -44.86
N ALA B 187 -16.14 3.58 -45.41
CA ALA B 187 -14.74 3.83 -45.08
C ALA B 187 -14.54 4.14 -43.59
N THR B 188 -15.37 5.01 -43.03
CA THR B 188 -15.21 5.34 -41.62
C THR B 188 -15.61 4.17 -40.73
N ILE B 189 -16.67 3.45 -41.09
CA ILE B 189 -17.07 2.28 -40.29
C ILE B 189 -15.95 1.24 -40.28
N LEU B 190 -15.36 0.99 -41.44
CA LEU B 190 -14.23 0.07 -41.52
C LEU B 190 -13.07 0.59 -40.66
N ALA B 191 -12.86 1.91 -40.68
CA ALA B 191 -11.76 2.46 -39.91
C ALA B 191 -11.97 2.20 -38.42
N VAL B 192 -13.17 2.49 -37.93
CA VAL B 192 -13.49 2.33 -36.53
C VAL B 192 -13.39 0.86 -36.11
N ILE B 193 -13.88 -0.05 -36.95
CA ILE B 193 -13.78 -1.47 -36.63
C ILE B 193 -12.31 -1.93 -36.52
N ALA B 194 -11.50 -1.56 -37.50
CA ALA B 194 -10.08 -1.89 -37.46
C ALA B 194 -9.43 -1.28 -36.22
N TYR B 195 -9.81 -0.04 -35.92
CA TYR B 195 -9.23 0.71 -34.82
C TYR B 195 -9.49 0.03 -33.49
N VAL B 196 -10.76 -0.33 -33.26
CA VAL B 196 -11.18 -0.97 -32.03
C VAL B 196 -10.52 -2.33 -31.91
N TRP B 197 -10.53 -3.09 -33.00
CA TRP B 197 -9.94 -4.43 -32.94
C TRP B 197 -8.43 -4.39 -32.64
N THR B 198 -7.71 -3.52 -33.35
CA THR B 198 -6.28 -3.35 -33.19
C THR B 198 -5.94 -2.91 -31.75
N THR B 199 -6.69 -1.94 -31.24
CA THR B 199 -6.47 -1.42 -29.91
C THR B 199 -6.70 -2.51 -28.90
N ARG B 200 -7.75 -3.31 -29.11
CA ARG B 200 -8.09 -4.39 -28.18
C ARG B 200 -6.98 -5.44 -28.12
N THR B 201 -6.51 -5.92 -29.28
CA THR B 201 -5.50 -6.99 -29.25
C THR B 201 -4.15 -6.49 -28.68
N ILE B 202 -3.73 -5.31 -29.13
CA ILE B 202 -2.51 -4.72 -28.61
C ILE B 202 -2.66 -4.49 -27.10
N THR B 203 -3.85 -4.08 -26.66
CA THR B 203 -4.08 -3.84 -25.23
C THR B 203 -4.02 -5.11 -24.37
N GLU B 204 -4.50 -6.24 -24.89
CA GLU B 204 -4.38 -7.50 -24.15
C GLU B 204 -2.88 -7.81 -23.95
N TRP B 205 -2.11 -7.66 -25.02
CA TRP B 205 -0.67 -7.84 -24.87
C TRP B 205 -0.02 -6.88 -23.85
N ARG B 206 -0.37 -5.60 -23.95
CA ARG B 206 0.19 -4.59 -23.04
C ARG B 206 -0.17 -4.85 -21.59
N THR B 207 -1.37 -5.38 -21.35
CA THR B 207 -1.81 -5.65 -19.99
C THR B 207 -0.97 -6.80 -19.41
N HIS B 208 -0.65 -7.78 -20.24
CA HIS B 208 0.28 -8.81 -19.74
C HIS B 208 1.65 -8.21 -19.34
N LEU B 209 2.21 -7.38 -20.22
CA LEU B 209 3.51 -6.74 -19.94
C LEU B 209 3.48 -5.87 -18.67
N ARG B 210 2.35 -5.19 -18.47
CA ARG B 210 2.15 -4.30 -17.33
C ARG B 210 2.14 -5.10 -16.03
N GLU B 211 1.48 -6.26 -16.07
CA GLU B 211 1.42 -7.12 -14.91
C GLU B 211 2.81 -7.66 -14.53
N LYS B 212 3.59 -8.04 -15.55
CA LYS B 212 4.95 -8.49 -15.25
C LYS B 212 5.78 -7.35 -14.62
N ASN B 214 4.75 -4.76 -12.91
CA ASN B 214 4.28 -4.51 -11.57
C ASN B 214 4.83 -5.53 -10.58
N ARG B 215 4.84 -6.80 -10.99
CA ARG B 215 5.41 -7.84 -10.15
C ARG B 215 6.89 -7.60 -9.85
N LEU B 216 7.65 -7.27 -10.89
CA LEU B 216 9.09 -7.05 -10.73
C LEU B 216 9.40 -5.84 -9.85
N ASP B 217 8.56 -4.83 -9.98
CA ASP B 217 8.63 -3.65 -9.17
C ASP B 217 8.41 -3.98 -7.68
N GLY B 218 7.39 -4.78 -7.42
CA GLY B 218 7.08 -5.20 -6.07
C GLY B 218 8.26 -5.93 -5.47
N GLN B 219 8.88 -6.80 -6.27
CA GLN B 219 10.04 -7.54 -5.79
C GLN B 219 11.26 -6.67 -5.47
N ALA B 220 11.59 -5.71 -6.34
CA ALA B 220 12.74 -4.84 -6.06
C ALA B 220 12.47 -4.02 -4.78
N LEU B 221 11.27 -3.49 -4.69
CA LEU B 221 10.86 -2.68 -3.54
C LEU B 221 10.90 -3.48 -2.23
N ALA B 222 10.43 -4.72 -2.28
CA ALA B 222 10.47 -5.59 -1.12
C ALA B 222 11.91 -5.87 -0.72
N ARG B 223 12.80 -6.03 -1.68
CA ARG B 223 14.21 -6.21 -1.31
C ARG B 223 14.79 -4.98 -0.58
N ALA B 224 14.56 -3.80 -1.14
CA ALA B 224 15.02 -2.57 -0.47
C ALA B 224 14.46 -2.41 0.94
N VAL B 225 13.15 -2.61 1.07
CA VAL B 225 12.50 -2.44 2.36
C VAL B 225 12.94 -3.49 3.40
N ASP B 226 13.07 -4.74 2.98
CA ASP B 226 13.52 -5.79 3.91
C ASP B 226 14.95 -5.53 4.39
N SER B 227 15.75 -4.98 3.48
CA SER B 227 17.10 -4.57 3.82
C SER B 227 17.14 -3.41 4.88
N LEU B 228 16.39 -2.36 4.61
CA LEU B 228 16.41 -1.20 5.51
C LEU B 228 15.83 -1.56 6.87
N LEU B 229 14.79 -2.35 6.87
CA LEU B 229 14.21 -2.76 8.14
C LEU B 229 15.13 -3.78 8.81
N ASN B 230 16.11 -4.29 8.08
CA ASN B 230 17.11 -5.14 8.73
C ASN B 230 18.51 -4.51 8.76
N TYR B 231 18.53 -3.19 8.88
CA TYR B 231 19.76 -2.39 8.97
C TYR B 231 20.81 -2.92 9.98
N GLU B 232 20.38 -3.27 11.19
CA GLU B 232 21.32 -3.80 12.17
C GLU B 232 22.00 -5.07 11.68
N THR B 233 21.19 -6.02 11.21
CA THR B 233 21.69 -7.31 10.77
C THR B 233 22.64 -7.13 9.61
N VAL B 234 22.27 -6.23 8.69
CA VAL B 234 23.18 -5.90 7.60
C VAL B 234 24.52 -5.34 8.12
N LYS B 235 24.49 -4.45 9.13
CA LYS B 235 25.74 -3.99 9.72
C LYS B 235 26.54 -5.13 10.34
N TYR B 236 25.88 -5.97 11.14
CA TYR B 236 26.51 -7.07 11.87
C TYR B 236 27.33 -7.99 10.97
N PHE B 237 26.88 -8.13 9.73
CA PHE B 237 27.56 -9.00 8.79
C PHE B 237 28.28 -8.21 7.70
N GLY B 238 28.41 -6.90 7.92
CA GLY B 238 29.08 -6.01 6.97
C GLY B 238 28.59 -6.22 5.55
N ALA B 239 27.27 -6.35 5.40
CA ALA B 239 26.68 -6.82 4.14
C ALA B 239 26.08 -5.74 3.20
N GLU B 240 26.51 -4.49 3.36
CA GLU B 240 26.02 -3.35 2.56
C GLU B 240 26.17 -3.51 1.05
N SER B 241 27.38 -3.84 0.60
CA SER B 241 27.65 -4.07 -0.82
C SER B 241 26.77 -5.21 -1.35
N ARG B 242 26.63 -6.25 -0.54
CA ARG B 242 25.81 -7.39 -0.96
C ARG B 242 24.34 -6.99 -1.16
N GLU B 243 23.79 -6.24 -0.22
CA GLU B 243 22.41 -5.79 -0.30
C GLU B 243 22.23 -4.81 -1.45
N GLU B 244 23.24 -4.00 -1.71
CA GLU B 244 23.24 -3.08 -2.83
C GLU B 244 23.18 -3.84 -4.14
N ALA B 245 24.00 -4.88 -4.27
CA ALA B 245 24.03 -5.68 -5.49
C ALA B 245 22.68 -6.41 -5.67
N ARG B 246 22.15 -6.90 -4.57
CA ARG B 246 20.85 -7.57 -4.56
C ARG B 246 19.69 -6.63 -4.92
N TYR B 247 19.71 -5.40 -4.44
CA TYR B 247 18.70 -4.44 -4.87
C TYR B 247 18.89 -4.12 -6.35
N ALA B 248 20.15 -3.98 -6.75
CA ALA B 248 20.48 -3.60 -8.13
C ALA B 248 20.02 -4.62 -9.19
N SER B 249 20.19 -5.92 -8.92
CA SER B 249 19.76 -6.89 -9.93
C SER B 249 18.24 -6.88 -10.11
N ALA B 250 17.52 -6.80 -9.00
CA ALA B 250 16.06 -6.73 -9.03
C ALA B 250 15.60 -5.45 -9.74
N ALA B 251 16.26 -4.34 -9.44
CA ALA B 251 15.92 -3.03 -10.02
C ALA B 251 16.18 -3.01 -11.53
N ARG B 252 17.20 -3.74 -11.98
CA ARG B 252 17.44 -3.93 -13.41
C ARG B 252 16.35 -4.78 -14.07
N ALA B 253 15.95 -5.86 -13.41
CA ALA B 253 14.86 -6.69 -13.97
C ALA B 253 13.60 -5.84 -14.15
N TYR B 254 13.31 -5.03 -13.13
CA TYR B 254 12.19 -4.13 -13.20
C TYR B 254 12.36 -3.12 -14.36
N ALA B 255 13.53 -2.50 -14.49
CA ALA B 255 13.74 -1.52 -15.55
C ALA B 255 13.55 -2.13 -16.94
N ASP B 256 14.02 -3.36 -17.13
CA ASP B 256 13.86 -4.02 -18.43
C ASP B 256 12.37 -4.19 -18.75
N ALA B 257 11.61 -4.65 -17.75
CA ALA B 257 10.15 -4.79 -17.94
C ALA B 257 9.43 -3.44 -18.18
N ALA B 258 9.87 -2.39 -17.50
CA ALA B 258 9.25 -1.06 -17.63
C ALA B 258 9.52 -0.52 -19.05
N VAL B 259 10.72 -0.76 -19.56
CA VAL B 259 11.06 -0.37 -20.91
C VAL B 259 10.16 -1.12 -21.90
N LYS B 260 10.00 -2.44 -21.73
CA LYS B 260 9.13 -3.15 -22.68
C LYS B 260 7.69 -2.62 -22.65
N SER B 261 7.14 -2.47 -21.44
CA SER B 261 5.74 -2.05 -21.30
C SER B 261 5.50 -0.65 -21.91
N GLU B 262 6.37 0.29 -21.54
CA GLU B 262 6.23 1.65 -22.05
C GLU B 262 6.44 1.74 -23.56
N ASN B 263 7.36 0.93 -24.09
CA ASN B 263 7.59 0.92 -25.52
C ASN B 263 6.32 0.41 -26.24
N SER B 264 5.69 -0.62 -25.67
CA SER B 264 4.50 -1.21 -26.29
C SER B 264 3.38 -0.16 -26.38
N LEU B 265 3.38 0.79 -25.45
CA LEU B 265 2.46 1.92 -25.63
C LEU B 265 2.74 2.72 -26.96
N GLY B 266 4.01 2.92 -27.28
CA GLY B 266 4.39 3.59 -28.50
C GLY B 266 3.90 2.80 -29.71
N LEU B 267 4.04 1.48 -29.62
CA LEU B 267 3.53 0.62 -30.70
C LEU B 267 2.02 0.78 -30.86
N LEU B 268 1.30 0.86 -29.75
CA LEU B 268 -0.15 1.06 -29.85
C LEU B 268 -0.51 2.40 -30.50
N ASN B 269 0.19 3.47 -30.10
CA ASN B 269 -0.10 4.79 -30.64
C ASN B 269 0.15 4.86 -32.14
N ILE B 270 1.27 4.29 -32.58
CA ILE B 270 1.60 4.23 -34.00
C ILE B 270 0.57 3.43 -34.80
N ALA B 271 0.16 2.27 -34.28
CA ALA B 271 -0.87 1.49 -34.96
C ALA B 271 -2.16 2.32 -35.12
N GLN B 272 -2.56 2.97 -34.04
CA GLN B 272 -3.76 3.80 -34.04
C GLN B 272 -3.69 4.96 -35.04
N ALA B 273 -2.52 5.60 -35.11
CA ALA B 273 -2.30 6.75 -35.97
C ALA B 273 -2.30 6.32 -37.43
N LEU B 274 -1.80 5.10 -37.66
CA LEU B 274 -1.81 4.55 -39.00
C LEU B 274 -3.24 4.40 -39.47
N ILE B 275 -4.08 3.81 -38.62
CA ILE B 275 -5.47 3.61 -39.05
C ILE B 275 -6.19 4.96 -39.28
N VAL B 276 -6.13 5.85 -38.28
CA VAL B 276 -6.80 7.14 -38.38
C VAL B 276 -6.34 7.91 -39.64
N ASN B 277 -5.04 7.95 -39.87
CA ASN B 277 -4.51 8.73 -40.98
C ASN B 277 -4.70 8.12 -42.39
N LEU B 278 -4.81 6.79 -42.48
CA LEU B 278 -5.25 6.17 -43.72
C LEU B 278 -6.68 6.61 -44.03
N LEU B 279 -7.55 6.53 -43.02
CA LEU B 279 -8.92 6.98 -43.22
C LEU B 279 -8.99 8.45 -43.59
N ALA B 281 -6.59 10.36 -45.13
CA ALA B 281 -6.10 10.48 -46.49
C ALA B 281 -7.19 10.14 -47.49
N GLY B 282 -7.83 8.99 -47.28
CA GLY B 282 -8.89 8.55 -48.17
C GLY B 282 -10.10 9.47 -48.18
N ALA B 283 -10.58 9.85 -46.99
CA ALA B 283 -11.80 10.66 -46.90
C ALA B 283 -11.59 12.01 -47.56
N ALA B 285 -9.16 12.90 -49.78
CA ALA B 285 -8.88 12.74 -51.20
C ALA B 285 -10.19 12.56 -51.96
N TRP B 286 -11.05 11.69 -51.44
CA TRP B 286 -12.34 11.45 -52.06
C TRP B 286 -13.22 12.70 -52.05
N THR B 287 -13.15 13.47 -50.97
CA THR B 287 -13.92 14.71 -50.87
C THR B 287 -13.43 15.76 -51.87
N VAL B 288 -12.12 15.86 -52.04
CA VAL B 288 -11.52 16.80 -52.96
C VAL B 288 -11.92 16.42 -54.39
N TYR B 289 -11.95 15.12 -54.65
CA TYR B 289 -12.39 14.62 -55.94
C TYR B 289 -13.86 14.98 -56.19
N GLY B 290 -14.68 14.84 -55.16
CA GLY B 290 -16.07 15.25 -55.26
C GLY B 290 -16.21 16.74 -55.50
N TRP B 291 -15.27 17.51 -54.97
CA TRP B 291 -15.26 18.94 -55.21
C TRP B 291 -14.96 19.25 -56.67
N SER B 292 -14.01 18.52 -57.23
CA SER B 292 -13.56 18.77 -58.62
C SER B 292 -14.71 18.60 -59.60
N GLN B 293 -15.69 17.78 -59.23
CA GLN B 293 -16.82 17.50 -60.10
C GLN B 293 -18.03 18.40 -59.81
N GLY B 294 -17.84 19.38 -58.94
CA GLY B 294 -18.91 20.32 -58.61
C GLY B 294 -19.95 19.74 -57.68
N LYS B 295 -19.73 18.51 -57.24
CA LYS B 295 -20.65 17.88 -56.30
C LYS B 295 -20.53 18.46 -54.88
N LEU B 296 -19.31 18.76 -54.46
CA LEU B 296 -19.07 19.21 -53.08
C LEU B 296 -18.35 20.55 -53.04
N THR B 297 -18.64 21.35 -52.03
CA THR B 297 -17.99 22.65 -51.87
C THR B 297 -16.63 22.43 -51.23
N VAL B 298 -15.79 23.46 -51.22
CA VAL B 298 -14.50 23.38 -50.53
C VAL B 298 -14.68 23.29 -49.02
N GLY B 299 -15.79 23.86 -48.53
CA GLY B 299 -16.11 23.81 -47.12
C GLY B 299 -16.29 22.38 -46.67
N ASP B 300 -16.69 21.52 -47.60
CA ASP B 300 -16.89 20.09 -47.33
C ASP B 300 -15.61 19.39 -46.90
N LEU B 301 -14.47 19.83 -47.41
CA LEU B 301 -13.19 19.27 -47.00
C LEU B 301 -12.93 19.52 -45.52
N VAL B 302 -13.10 20.78 -45.13
CA VAL B 302 -12.94 21.20 -43.76
C VAL B 302 -13.96 20.48 -42.86
N PHE B 303 -15.17 20.30 -43.37
CA PHE B 303 -16.24 19.64 -42.66
C PHE B 303 -15.87 18.18 -42.36
N VAL B 304 -15.44 17.46 -43.38
CA VAL B 304 -15.08 16.05 -43.22
C VAL B 304 -13.89 15.90 -42.29
N ASN B 305 -12.87 16.73 -42.49
CA ASN B 305 -11.68 16.66 -41.64
C ASN B 305 -12.05 16.88 -40.16
N THR B 306 -12.88 17.89 -39.89
CA THR B 306 -13.32 18.18 -38.53
C THR B 306 -14.14 17.02 -37.94
N TYR B 307 -15.09 16.49 -38.71
CA TYR B 307 -15.92 15.39 -38.22
C TYR B 307 -15.06 14.18 -37.83
N LEU B 308 -14.09 13.85 -38.67
CA LEU B 308 -13.24 12.70 -38.40
C LEU B 308 -12.35 12.92 -37.18
N THR B 309 -11.77 14.11 -37.06
CA THR B 309 -10.88 14.33 -35.90
C THR B 309 -11.64 14.39 -34.57
N GLN B 310 -12.83 14.98 -34.59
CA GLN B 310 -13.69 14.99 -33.42
C GLN B 310 -14.11 13.57 -33.06
N LEU B 311 -14.44 12.78 -34.08
CA LEU B 311 -14.89 11.40 -33.84
C LEU B 311 -13.78 10.59 -33.21
N PHE B 312 -12.55 10.76 -33.69
CA PHE B 312 -11.47 9.92 -33.21
C PHE B 312 -10.74 10.49 -31.99
N ARG B 313 -11.12 11.69 -31.54
CA ARG B 313 -10.45 12.24 -30.35
C ARG B 313 -10.67 11.41 -29.06
N PRO B 314 -11.92 11.04 -28.72
CA PRO B 314 -12.10 10.19 -27.53
C PRO B 314 -11.50 8.80 -27.69
N LEU B 315 -11.42 8.31 -28.93
CA LEU B 315 -10.84 7.00 -29.20
C LEU B 315 -9.33 7.02 -29.06
N ASP B 316 -8.77 8.20 -28.81
CA ASP B 316 -7.33 8.32 -28.63
C ASP B 316 -6.94 7.66 -27.32
N LEU B 318 -8.61 4.87 -26.16
CA LEU B 318 -9.35 3.60 -26.13
C LEU B 318 -8.63 2.42 -25.44
N GLY B 319 -7.30 2.39 -25.52
CA GLY B 319 -6.52 1.34 -24.88
C GLY B 319 -6.70 1.36 -23.38
N VAL B 321 -9.00 3.07 -21.68
CA VAL B 321 -10.42 2.89 -21.45
C VAL B 321 -10.79 1.41 -21.44
N TYR B 322 -10.30 0.68 -22.44
CA TYR B 322 -10.58 -0.75 -22.50
C TYR B 322 -9.99 -1.51 -21.30
N ARG B 323 -8.74 -1.21 -20.99
CA ARG B 323 -8.08 -1.92 -19.91
C ARG B 323 -8.85 -1.69 -18.63
N THR B 324 -9.26 -0.45 -18.46
CA THR B 324 -9.87 0.03 -17.24
C THR B 324 -11.31 -0.42 -17.06
N ILE B 325 -12.09 -0.33 -18.14
CA ILE B 325 -13.48 -0.73 -18.07
C ILE B 325 -13.51 -2.23 -17.75
N ARG B 326 -12.56 -2.94 -18.35
CA ARG B 326 -12.48 -4.40 -18.18
C ARG B 326 -12.18 -4.78 -16.73
N GLN B 327 -11.17 -4.14 -16.13
CA GLN B 327 -10.80 -4.42 -14.75
C GLN B 327 -11.90 -4.02 -13.79
N GLY B 328 -12.56 -2.91 -14.07
CA GLY B 328 -13.65 -2.41 -13.26
C GLY B 328 -14.84 -3.35 -13.23
N LEU B 329 -15.20 -3.90 -14.39
CA LEU B 329 -16.29 -4.86 -14.49
C LEU B 329 -15.97 -6.14 -13.71
N ILE B 330 -14.69 -6.52 -13.75
CA ILE B 330 -14.23 -7.68 -13.02
C ILE B 330 -14.41 -7.44 -11.53
N ASP B 331 -13.91 -6.31 -11.04
CA ASP B 331 -13.93 -5.96 -9.61
C ASP B 331 -15.36 -5.80 -9.11
N ALA B 333 -17.95 -7.33 -10.44
CA ALA B 333 -18.57 -8.65 -10.45
C ALA B 333 -18.19 -9.39 -9.17
N GLU B 334 -16.97 -9.12 -8.70
CA GLU B 334 -16.50 -9.66 -7.43
C GLU B 334 -17.38 -9.18 -6.27
N PHE B 336 -20.46 -8.29 -6.45
CA PHE B 336 -21.79 -8.88 -6.57
C PHE B 336 -21.77 -10.36 -6.17
N ARG B 337 -20.63 -10.99 -6.39
CA ARG B 337 -20.40 -12.37 -6.00
C ARG B 337 -20.49 -12.52 -4.45
N LEU B 338 -19.90 -11.58 -3.69
CA LEU B 338 -20.01 -11.57 -2.22
C LEU B 338 -21.44 -11.31 -1.74
N ILE B 339 -22.11 -10.34 -2.36
CA ILE B 339 -23.48 -10.01 -1.99
C ILE B 339 -24.37 -11.22 -2.20
N ASP B 340 -24.04 -12.02 -3.21
CA ASP B 340 -24.79 -13.23 -3.55
C ASP B 340 -24.46 -14.45 -2.67
N THR B 341 -23.24 -14.49 -2.14
CA THR B 341 -22.76 -15.62 -1.35
C THR B 341 -23.72 -15.94 -0.20
N HIS B 342 -24.01 -17.22 -0.02
CA HIS B 342 -25.08 -17.56 0.89
C HIS B 342 -24.61 -17.63 2.32
N ILE B 343 -25.53 -17.34 3.22
CA ILE B 343 -25.22 -17.23 4.65
C ILE B 343 -25.36 -18.59 5.30
N GLU B 344 -24.25 -19.11 5.82
CA GLU B 344 -24.23 -20.39 6.49
C GLU B 344 -25.14 -20.47 7.74
N VAL B 345 -25.08 -19.48 8.62
CA VAL B 345 -25.85 -19.49 9.86
C VAL B 345 -26.94 -18.41 9.85
N ALA B 346 -28.20 -18.83 9.75
CA ALA B 346 -29.30 -17.88 9.66
C ALA B 346 -30.36 -18.09 10.73
N ASP B 347 -31.11 -17.02 11.03
CA ASP B 347 -32.29 -17.17 11.87
C ASP B 347 -33.33 -17.96 11.10
N VAL B 348 -34.06 -18.83 11.78
CA VAL B 348 -35.21 -19.48 11.16
C VAL B 348 -36.25 -18.40 10.95
N PRO B 349 -37.20 -18.63 10.02
CA PRO B 349 -38.28 -17.63 9.80
C PRO B 349 -39.08 -17.36 11.08
N ASN B 350 -39.33 -16.09 11.35
CA ASN B 350 -40.08 -15.64 12.52
C ASN B 350 -39.50 -16.11 13.84
N ALA B 351 -38.17 -16.14 13.91
CA ALA B 351 -37.50 -16.64 15.09
C ALA B 351 -37.84 -15.72 16.25
N PRO B 352 -38.26 -16.31 17.37
CA PRO B 352 -38.54 -15.56 18.61
C PRO B 352 -37.25 -15.07 19.23
N ALA B 353 -37.35 -14.12 20.14
CA ALA B 353 -36.19 -13.70 20.93
C ALA B 353 -35.90 -14.78 21.97
N LEU B 354 -34.62 -14.98 22.27
CA LEU B 354 -34.25 -15.80 23.41
C LEU B 354 -34.63 -15.09 24.69
N VAL B 355 -35.29 -15.78 25.61
CA VAL B 355 -35.60 -15.19 26.89
C VAL B 355 -34.90 -15.91 28.02
N VAL B 356 -33.85 -15.31 28.56
CA VAL B 356 -33.06 -15.94 29.61
C VAL B 356 -33.61 -15.55 30.98
N ASN B 357 -34.47 -16.41 31.53
CA ASN B 357 -34.99 -16.24 32.87
C ASN B 357 -34.17 -17.01 33.90
N ARG B 358 -33.66 -18.17 33.49
CA ARG B 358 -32.72 -18.97 34.26
C ARG B 358 -31.52 -19.40 33.40
N PRO B 359 -30.34 -18.80 33.63
CA PRO B 359 -29.27 -18.98 32.64
C PRO B 359 -28.53 -20.33 32.70
N SER B 360 -29.23 -21.41 32.41
CA SER B 360 -28.58 -22.70 32.25
C SER B 360 -28.07 -22.88 30.81
N VAL B 361 -27.04 -23.70 30.66
CA VAL B 361 -26.51 -24.05 29.36
C VAL B 361 -26.43 -25.56 29.16
N THR B 362 -27.01 -26.05 28.07
CA THR B 362 -26.99 -27.48 27.77
C THR B 362 -26.38 -27.83 26.43
N PHE B 363 -25.38 -28.71 26.43
CA PHE B 363 -24.95 -29.37 25.18
C PHE B 363 -25.61 -30.75 25.14
N ASP B 364 -26.43 -30.97 24.13
CA ASP B 364 -27.20 -32.21 23.97
C ASP B 364 -26.68 -32.99 22.74
N ASN B 365 -25.81 -33.96 22.98
CA ASN B 365 -25.33 -34.84 21.93
C ASN B 365 -24.72 -34.10 20.73
N VAL B 366 -23.79 -33.18 21.01
CA VAL B 366 -23.31 -32.29 19.96
C VAL B 366 -22.23 -32.97 19.11
N VAL B 367 -22.50 -33.05 17.81
CA VAL B 367 -21.53 -33.56 16.86
C VAL B 367 -21.14 -32.38 16.00
N PHE B 368 -19.85 -32.11 15.88
CA PHE B 368 -19.40 -30.95 15.17
C PHE B 368 -17.94 -31.06 14.72
N GLY B 369 -17.64 -30.37 13.61
CA GLY B 369 -16.30 -30.19 13.13
C GLY B 369 -16.33 -28.94 12.25
N TYR B 370 -15.19 -28.28 12.05
CA TYR B 370 -15.16 -27.13 11.16
C TYR B 370 -15.32 -27.59 9.73
N ASP B 371 -14.72 -28.71 9.38
CA ASP B 371 -14.87 -29.24 8.03
C ASP B 371 -15.37 -30.67 8.07
N ARG B 372 -16.21 -31.03 7.11
CA ARG B 372 -16.91 -32.31 7.16
C ARG B 372 -15.97 -33.52 7.09
N ASP B 373 -14.71 -33.30 6.73
CA ASP B 373 -13.75 -34.40 6.77
C ASP B 373 -12.96 -34.52 8.10
N ARG B 374 -13.28 -33.67 9.08
CA ARG B 374 -12.59 -33.77 10.38
C ARG B 374 -13.54 -33.49 11.54
N GLU B 375 -14.16 -34.56 12.04
CA GLU B 375 -15.08 -34.45 13.16
C GLU B 375 -14.30 -34.21 14.45
N ILE B 376 -14.73 -33.20 15.21
CA ILE B 376 -14.07 -32.84 16.47
C ILE B 376 -14.89 -33.23 17.71
N LEU B 377 -16.15 -32.80 17.77
CA LEU B 377 -17.05 -33.27 18.82
C LEU B 377 -17.85 -34.46 18.30
N HIS B 378 -17.86 -35.54 19.09
CA HIS B 378 -18.43 -36.83 18.68
C HIS B 378 -19.70 -37.21 19.45
N GLY B 379 -20.40 -36.23 20.00
CA GLY B 379 -21.55 -36.51 20.84
C GLY B 379 -21.35 -35.93 22.23
N LEU B 380 -21.03 -34.63 22.27
CA LEU B 380 -20.76 -33.97 23.53
C LEU B 380 -22.05 -33.56 24.24
N SER B 381 -22.24 -34.08 25.45
CA SER B 381 -23.39 -33.73 26.26
C SER B 381 -22.91 -33.26 27.62
N PHE B 382 -23.44 -32.14 28.09
CA PHE B 382 -23.18 -31.69 29.45
C PHE B 382 -24.22 -30.65 29.83
N GLU B 383 -24.39 -30.43 31.14
CA GLU B 383 -25.35 -29.49 31.67
C GLU B 383 -24.63 -28.54 32.60
N VAL B 384 -24.75 -27.24 32.34
CA VAL B 384 -24.21 -26.24 33.25
C VAL B 384 -25.35 -25.56 34.01
N ALA B 385 -25.37 -25.72 35.33
CA ALA B 385 -26.45 -25.16 36.16
C ALA B 385 -26.37 -23.61 36.21
N ALA B 386 -27.51 -22.96 36.33
CA ALA B 386 -27.53 -21.50 36.35
C ALA B 386 -26.76 -20.95 37.56
N GLY B 387 -25.80 -20.06 37.28
CA GLY B 387 -25.06 -19.39 38.33
C GLY B 387 -23.83 -20.07 38.87
N SER B 388 -23.51 -21.25 38.35
CA SER B 388 -22.33 -21.97 38.80
C SER B 388 -21.07 -21.48 38.09
N ARG B 389 -19.92 -21.70 38.74
CA ARG B 389 -18.62 -21.46 38.13
C ARG B 389 -18.09 -22.80 37.68
N VAL B 390 -18.01 -22.98 36.37
CA VAL B 390 -17.66 -24.27 35.82
C VAL B 390 -16.41 -24.12 34.96
N ALA B 391 -15.55 -25.13 34.94
CA ALA B 391 -14.42 -25.11 34.01
C ALA B 391 -14.54 -26.27 33.02
N ILE B 392 -14.01 -26.07 31.82
CA ILE B 392 -13.93 -27.10 30.80
C ILE B 392 -12.47 -27.28 30.40
N VAL B 393 -11.96 -28.49 30.61
CA VAL B 393 -10.55 -28.83 30.39
C VAL B 393 -10.44 -30.15 29.61
N GLY B 394 -9.30 -30.38 28.97
CA GLY B 394 -9.09 -31.66 28.35
C GLY B 394 -7.73 -31.72 27.70
N PRO B 395 -7.33 -32.91 27.25
CA PRO B 395 -6.05 -33.02 26.54
C PRO B 395 -6.19 -32.63 25.07
N SER B 396 -5.14 -32.92 24.31
CA SER B 396 -4.94 -32.38 22.97
C SER B 396 -6.11 -32.57 21.99
N GLY B 397 -6.86 -33.66 22.10
CA GLY B 397 -7.95 -33.87 21.18
C GLY B 397 -9.38 -33.64 21.68
N ALA B 398 -9.52 -32.98 22.81
CA ALA B 398 -10.81 -32.97 23.47
C ALA B 398 -11.93 -32.19 22.76
N GLY B 399 -11.57 -31.16 21.99
CA GLY B 399 -12.54 -30.29 21.33
C GLY B 399 -13.05 -29.11 22.16
N LYS B 400 -12.42 -28.78 23.29
CA LYS B 400 -12.88 -27.66 24.13
C LYS B 400 -12.83 -26.29 23.43
N SER B 401 -11.88 -26.13 22.53
CA SER B 401 -11.73 -24.92 21.75
C SER B 401 -12.88 -24.63 20.77
N THR B 402 -13.85 -25.54 20.66
CA THR B 402 -15.03 -25.33 19.82
C THR B 402 -16.18 -24.75 20.60
N ILE B 403 -16.15 -24.93 21.93
CA ILE B 403 -17.31 -24.57 22.74
C ILE B 403 -17.77 -23.12 22.56
N ALA B 404 -16.83 -22.18 22.71
CA ALA B 404 -17.19 -20.75 22.62
C ALA B 404 -17.83 -20.47 21.27
N ARG B 405 -17.23 -21.02 20.21
CA ARG B 405 -17.73 -20.71 18.88
C ARG B 405 -19.11 -21.30 18.66
N LEU B 406 -19.37 -22.44 19.29
CA LEU B 406 -20.69 -23.05 19.12
C LEU B 406 -21.72 -22.27 19.92
N LEU B 407 -21.31 -21.79 21.10
CA LEU B 407 -22.26 -21.18 22.00
C LEU B 407 -22.76 -19.84 21.44
N PHE B 408 -21.87 -19.14 20.76
CA PHE B 408 -22.21 -17.88 20.13
C PHE B 408 -22.80 -18.14 18.76
N ARG B 409 -22.93 -19.42 18.43
CA ARG B 409 -23.47 -19.85 17.14
C ARG B 409 -22.75 -19.22 15.95
N PHE B 410 -21.42 -19.18 16.01
CA PHE B 410 -20.60 -18.91 14.83
C PHE B 410 -20.75 -20.06 13.85
N TYR B 411 -21.10 -21.24 14.37
CA TYR B 411 -21.37 -22.45 13.57
C TYR B 411 -22.56 -23.18 14.19
N ASP B 412 -23.18 -24.05 13.40
CA ASP B 412 -24.23 -24.91 13.92
C ASP B 412 -23.65 -26.30 14.12
N PRO B 413 -24.17 -27.05 15.09
CA PRO B 413 -23.83 -28.48 15.17
C PRO B 413 -24.27 -29.23 13.89
N TRP B 414 -23.46 -30.21 13.49
CA TRP B 414 -23.85 -31.16 12.46
C TRP B 414 -25.00 -32.00 12.96
N GLU B 415 -24.93 -32.40 14.22
CA GLU B 415 -26.00 -33.16 14.90
C GLU B 415 -26.12 -32.73 16.33
N GLY B 416 -27.32 -32.85 16.89
CA GLY B 416 -27.57 -32.44 18.26
C GLY B 416 -27.81 -30.94 18.39
N ARG B 417 -27.85 -30.45 19.62
CA ARG B 417 -28.23 -29.05 19.81
C ARG B 417 -27.71 -28.46 21.12
N ILE B 418 -27.72 -27.14 21.17
CA ILE B 418 -27.29 -26.37 22.33
C ILE B 418 -28.50 -25.59 22.87
N LEU B 419 -28.72 -25.63 24.17
CA LEU B 419 -29.83 -24.89 24.73
C LEU B 419 -29.31 -23.89 25.73
N ILE B 420 -29.94 -22.74 25.79
CA ILE B 420 -29.77 -21.82 26.90
C ILE B 420 -31.13 -21.68 27.54
N ASP B 421 -31.16 -21.75 28.87
CA ASP B 421 -32.40 -21.90 29.59
C ASP B 421 -33.01 -23.11 28.91
N GLY B 422 -34.26 -23.10 28.52
CA GLY B 422 -34.70 -24.34 27.88
C GLY B 422 -34.74 -24.36 26.35
N GLN B 423 -34.10 -23.37 25.73
CA GLN B 423 -34.35 -23.03 24.34
C GLN B 423 -33.17 -23.31 23.39
N ASP B 424 -33.47 -24.04 22.30
CA ASP B 424 -32.48 -24.40 21.29
C ASP B 424 -31.97 -23.09 20.67
N ILE B 425 -30.66 -22.84 20.78
CA ILE B 425 -30.14 -21.57 20.33
C ILE B 425 -30.22 -21.39 18.81
N ALA B 426 -30.44 -22.50 18.08
CA ALA B 426 -30.63 -22.46 16.64
C ALA B 426 -32.01 -21.92 16.22
N HIS B 427 -32.95 -21.84 17.16
CA HIS B 427 -34.33 -21.42 16.82
C HIS B 427 -34.69 -20.04 17.30
N VAL B 428 -33.71 -19.33 17.86
CA VAL B 428 -33.94 -17.97 18.31
C VAL B 428 -33.18 -16.98 17.42
N THR B 429 -33.49 -15.69 17.57
CA THR B 429 -32.75 -14.66 16.83
C THR B 429 -31.31 -14.67 17.33
N GLN B 430 -30.37 -14.52 16.41
CA GLN B 430 -28.96 -14.51 16.75
C GLN B 430 -28.61 -13.36 17.68
N THR B 431 -29.28 -12.23 17.48
CA THR B 431 -28.97 -11.05 18.23
C THR B 431 -29.34 -11.24 19.69
N SER B 432 -30.49 -11.86 19.97
CA SER B 432 -30.89 -12.06 21.37
C SER B 432 -29.96 -13.07 22.03
N LEU B 433 -29.61 -14.10 21.27
CA LEU B 433 -28.67 -15.10 21.74
C LEU B 433 -27.35 -14.46 22.18
N ARG B 434 -26.78 -13.61 21.33
CA ARG B 434 -25.50 -13.01 21.66
C ARG B 434 -25.64 -11.95 22.73
N ALA B 435 -26.82 -11.34 22.80
CA ALA B 435 -27.12 -10.39 23.87
C ALA B 435 -27.01 -11.09 25.24
N ALA B 436 -27.28 -12.40 25.28
CA ALA B 436 -27.15 -13.12 26.55
C ALA B 436 -25.73 -13.57 26.93
N LEU B 437 -24.75 -13.40 26.04
CA LEU B 437 -23.42 -13.99 26.29
C LEU B 437 -22.26 -13.01 26.38
N GLY B 438 -21.44 -13.20 27.40
CA GLY B 438 -20.19 -12.47 27.47
C GLY B 438 -19.04 -13.41 27.18
N ILE B 439 -17.96 -12.86 26.65
CA ILE B 439 -16.76 -13.64 26.39
C ILE B 439 -15.51 -12.80 26.68
N VAL B 440 -14.52 -13.42 27.30
CA VAL B 440 -13.18 -12.85 27.33
C VAL B 440 -12.28 -13.82 26.61
N PRO B 441 -11.97 -13.53 25.34
CA PRO B 441 -11.19 -14.46 24.54
C PRO B 441 -9.72 -14.38 24.90
N GLN B 442 -8.94 -15.31 24.39
CA GLN B 442 -7.52 -15.36 24.66
C GLN B 442 -6.74 -14.14 24.16
N ASP B 443 -6.97 -13.79 22.90
CA ASP B 443 -6.31 -12.63 22.28
C ASP B 443 -7.36 -11.54 22.19
N SER B 444 -7.22 -10.52 23.01
CA SER B 444 -8.24 -9.49 23.03
C SER B 444 -7.80 -8.43 22.06
N VAL B 445 -8.77 -7.84 21.39
CA VAL B 445 -8.44 -6.86 20.37
C VAL B 445 -8.96 -5.47 20.74
N LEU B 446 -8.16 -4.45 20.45
CA LEU B 446 -8.63 -3.10 20.66
C LEU B 446 -8.90 -2.49 19.30
N PHE B 447 -10.01 -1.77 19.17
CA PHE B 447 -10.22 -0.98 17.99
C PHE B 447 -9.27 0.21 17.99
N ASN B 448 -9.03 0.77 16.82
CA ASN B 448 -8.25 1.97 16.73
C ASN B 448 -9.10 3.18 17.10
N ASP B 449 -9.30 3.34 18.41
CA ASP B 449 -10.14 4.40 18.95
C ASP B 449 -9.73 4.59 20.40
N THR B 450 -10.48 5.39 21.15
CA THR B 450 -10.13 5.68 22.55
C THR B 450 -10.39 4.46 23.42
N ILE B 451 -9.80 4.45 24.62
CA ILE B 451 -10.08 3.40 25.60
C ILE B 451 -11.57 3.40 25.94
N GLY B 452 -12.13 4.59 26.06
CA GLY B 452 -13.55 4.76 26.34
C GLY B 452 -14.45 4.19 25.26
N TYR B 453 -14.12 4.44 24.00
CA TYR B 453 -14.89 3.85 22.90
C TYR B 453 -14.80 2.33 23.02
N ASN B 454 -13.59 1.84 23.28
CA ASN B 454 -13.33 0.40 23.42
C ASN B 454 -14.08 -0.34 24.55
N ILE B 455 -14.23 0.30 25.70
CA ILE B 455 -15.02 -0.26 26.79
C ILE B 455 -16.52 -0.10 26.51
N ALA B 456 -16.90 1.07 25.99
CA ALA B 456 -18.30 1.39 25.70
C ALA B 456 -18.90 0.48 24.64
N TYR B 457 -18.03 -0.11 23.84
CA TYR B 457 -18.41 -1.03 22.79
C TYR B 457 -19.24 -2.22 23.34
N GLY B 458 -19.13 -2.47 24.65
CA GLY B 458 -19.84 -3.58 25.25
C GLY B 458 -21.36 -3.52 25.12
N ARG B 459 -21.90 -2.30 25.04
CA ARG B 459 -23.34 -2.07 24.87
C ARG B 459 -23.59 -0.78 24.08
N ASP B 460 -24.55 -0.82 23.15
CA ASP B 460 -24.72 0.24 22.14
C ASP B 460 -24.80 1.67 22.71
N GLY B 461 -25.65 1.93 23.66
CA GLY B 461 -25.71 3.30 24.18
C GLY B 461 -24.98 3.58 25.48
N ALA B 462 -23.93 2.83 25.79
CA ALA B 462 -23.29 2.88 27.10
C ALA B 462 -22.78 4.27 27.44
N SER B 463 -23.15 4.74 28.63
CA SER B 463 -22.75 6.05 29.15
C SER B 463 -21.36 6.04 29.79
N ARG B 464 -20.83 7.21 30.05
CA ARG B 464 -19.53 7.35 30.72
C ARG B 464 -19.55 6.82 32.15
N ALA B 465 -20.69 6.92 32.82
CA ALA B 465 -20.83 6.37 34.17
C ALA B 465 -20.72 4.85 34.12
N GLU B 466 -21.36 4.26 33.10
CA GLU B 466 -21.28 2.82 32.88
C GLU B 466 -19.86 2.36 32.54
N VAL B 467 -19.19 3.14 31.70
CA VAL B 467 -17.82 2.87 31.33
C VAL B 467 -16.96 2.91 32.60
N ASP B 468 -17.20 3.90 33.44
CA ASP B 468 -16.51 4.02 34.71
C ASP B 468 -16.74 2.84 35.66
N ALA B 469 -18.00 2.43 35.77
CA ALA B 469 -18.34 1.29 36.62
C ALA B 469 -17.66 0.01 36.12
N ALA B 470 -17.69 -0.21 34.81
CA ALA B 470 -17.02 -1.39 34.25
C ALA B 470 -15.50 -1.34 34.43
N ALA B 471 -14.91 -0.18 34.18
CA ALA B 471 -13.47 -0.01 34.38
C ALA B 471 -13.11 -0.31 35.85
N LYS B 472 -13.98 0.11 36.75
CA LYS B 472 -13.79 -0.18 38.17
C LYS B 472 -13.89 -1.67 38.47
N GLY B 473 -14.90 -2.34 37.92
CA GLY B 473 -15.08 -3.76 38.12
C GLY B 473 -13.96 -4.63 37.56
N ALA B 474 -13.30 -4.13 36.52
CA ALA B 474 -12.24 -4.86 35.84
C ALA B 474 -10.91 -4.49 36.43
N ALA B 475 -10.97 -3.56 37.39
CA ALA B 475 -9.81 -3.03 38.09
C ALA B 475 -8.79 -2.41 37.16
N ILE B 476 -9.29 -1.67 36.17
CA ILE B 476 -8.41 -0.93 35.28
C ILE B 476 -8.63 0.59 35.40
N ALA B 477 -9.55 0.98 36.28
CA ALA B 477 -9.93 2.39 36.43
C ALA B 477 -8.77 3.30 36.86
N ASP B 478 -7.91 2.79 37.73
CA ASP B 478 -6.78 3.58 38.22
C ASP B 478 -5.75 3.81 37.15
N PHE B 479 -5.51 2.79 36.34
CA PHE B 479 -4.56 2.90 35.26
C PHE B 479 -5.00 3.98 34.28
N ILE B 480 -6.29 3.98 33.96
CA ILE B 480 -6.86 5.00 33.10
C ILE B 480 -6.78 6.38 33.73
N ALA B 481 -7.02 6.45 35.04
CA ALA B 481 -6.98 7.74 35.75
C ALA B 481 -5.59 8.39 35.68
N ARG B 482 -4.53 7.59 35.70
CA ARG B 482 -3.17 8.13 35.57
C ARG B 482 -2.79 8.52 34.14
N LEU B 483 -3.64 8.24 33.17
CA LEU B 483 -3.42 8.73 31.81
C LEU B 483 -3.88 10.18 31.65
N PRO B 484 -3.10 10.99 30.94
CA PRO B 484 -3.45 12.41 30.72
C PRO B 484 -4.84 12.58 30.12
N GLN B 485 -5.18 11.81 29.08
CA GLN B 485 -6.51 11.96 28.52
C GLN B 485 -7.52 10.97 29.06
N GLY B 486 -7.12 10.17 30.04
CA GLY B 486 -8.03 9.21 30.64
C GLY B 486 -8.68 8.29 29.60
N TYR B 487 -10.01 8.25 29.64
CA TYR B 487 -10.78 7.45 28.73
C TYR B 487 -10.70 7.91 27.27
N ASP B 488 -10.29 9.16 27.03
CA ASP B 488 -10.20 9.67 25.66
C ASP B 488 -8.83 9.41 25.08
N THR B 489 -8.03 8.62 25.79
CA THR B 489 -6.72 8.19 25.29
C THR B 489 -6.90 7.24 24.12
N GLU B 490 -6.24 7.53 23.00
CA GLU B 490 -6.32 6.66 21.84
C GLU B 490 -5.47 5.42 22.10
N VAL B 491 -6.00 4.25 21.75
CA VAL B 491 -5.24 3.00 21.87
C VAL B 491 -5.27 2.26 20.55
N GLY B 492 -4.56 1.14 20.49
CA GLY B 492 -4.35 0.42 19.25
C GLY B 492 -3.11 1.03 18.62
N GLU B 493 -3.01 0.95 17.31
CA GLU B 493 -1.98 1.70 16.60
C GLU B 493 -2.64 2.55 15.52
N ARG B 494 -2.16 3.77 15.30
CA ARG B 494 -1.09 4.39 16.08
C ARG B 494 -1.62 5.05 17.35
N GLY B 495 -1.60 4.33 18.46
CA GLY B 495 -2.09 4.85 19.71
C GLY B 495 -1.28 4.24 20.83
N LEU B 496 -1.59 4.60 22.07
CA LEU B 496 -0.88 4.03 23.22
C LEU B 496 -1.00 2.52 23.22
N LYS B 497 0.12 1.85 23.46
CA LYS B 497 0.13 0.38 23.49
C LYS B 497 -0.06 -0.10 24.91
N LEU B 498 -1.02 -1.00 25.09
CA LEU B 498 -1.33 -1.56 26.40
C LEU B 498 -0.63 -2.90 26.64
N SER B 499 -0.30 -3.19 27.90
CA SER B 499 0.25 -4.50 28.26
C SER B 499 -0.82 -5.55 28.06
N GLY B 500 -0.45 -6.82 28.15
CA GLY B 500 -1.41 -7.90 27.97
C GLY B 500 -2.51 -7.86 29.03
N GLY B 501 -2.08 -7.67 30.27
CA GLY B 501 -3.00 -7.55 31.39
C GLY B 501 -3.94 -6.37 31.21
N GLU B 502 -3.40 -5.23 30.79
CA GLU B 502 -4.23 -4.06 30.55
C GLU B 502 -5.27 -4.35 29.45
N LYS B 503 -4.86 -5.00 28.36
CA LYS B 503 -5.80 -5.36 27.31
C LYS B 503 -6.90 -6.29 27.80
N GLN B 504 -6.53 -7.30 28.59
CA GLN B 504 -7.51 -8.26 29.10
C GLN B 504 -8.46 -7.58 30.07
N ARG B 505 -7.95 -6.61 30.80
CA ARG B 505 -8.84 -5.86 31.68
C ARG B 505 -9.81 -5.04 30.84
N VAL B 506 -9.35 -4.50 29.71
CA VAL B 506 -10.28 -3.78 28.83
C VAL B 506 -11.38 -4.72 28.33
N ALA B 507 -10.99 -5.93 27.92
CA ALA B 507 -12.00 -6.91 27.49
C ALA B 507 -12.99 -7.23 28.61
N ILE B 508 -12.47 -7.46 29.81
CA ILE B 508 -13.33 -7.72 30.97
C ILE B 508 -14.31 -6.54 31.18
N ALA B 509 -13.80 -5.31 31.11
CA ALA B 509 -14.66 -4.13 31.33
C ALA B 509 -15.77 -4.06 30.29
N ARG B 510 -15.40 -4.37 29.05
CA ARG B 510 -16.30 -4.39 27.91
C ARG B 510 -17.48 -5.33 28.22
N THR B 511 -17.16 -6.53 28.68
CA THR B 511 -18.20 -7.50 29.00
C THR B 511 -19.05 -7.08 30.21
N LEU B 512 -18.42 -6.40 31.15
CA LEU B 512 -19.18 -5.84 32.28
C LEU B 512 -20.21 -4.78 31.83
N VAL B 513 -19.85 -3.99 30.82
CA VAL B 513 -20.77 -3.03 30.27
C VAL B 513 -21.97 -3.77 29.65
N LYS B 514 -21.66 -4.85 28.93
CA LYS B 514 -22.75 -5.66 28.39
C LYS B 514 -23.64 -6.26 29.51
N ASN B 515 -23.02 -6.63 30.64
CA ASN B 515 -23.69 -7.28 31.79
C ASN B 515 -24.54 -8.53 31.50
N PRO B 516 -23.94 -9.54 30.84
CA PRO B 516 -24.65 -10.78 30.46
C PRO B 516 -24.82 -11.77 31.64
N PRO B 517 -25.89 -12.58 31.61
CA PRO B 517 -26.14 -13.63 32.61
C PRO B 517 -25.16 -14.81 32.47
N ILE B 518 -24.64 -15.02 31.27
CA ILE B 518 -23.69 -16.10 31.04
C ILE B 518 -22.39 -15.51 30.54
N LEU B 519 -21.29 -15.90 31.18
CA LEU B 519 -19.99 -15.34 30.85
C LEU B 519 -19.00 -16.46 30.51
N LEU B 520 -18.26 -16.29 29.42
CA LEU B 520 -17.30 -17.30 28.98
C LEU B 520 -15.88 -16.78 29.08
N PHE B 521 -15.02 -17.49 29.79
CA PHE B 521 -13.63 -17.12 29.73
C PHE B 521 -12.99 -18.13 28.83
N ASP B 522 -12.57 -17.68 27.65
CA ASP B 522 -12.09 -18.62 26.65
C ASP B 522 -10.58 -18.57 26.54
N GLU B 523 -9.90 -19.34 27.38
CA GLU B 523 -8.44 -19.30 27.48
C GLU B 523 -7.94 -17.91 27.78
N ALA B 524 -8.66 -17.23 28.67
CA ALA B 524 -8.48 -15.81 28.97
C ALA B 524 -7.08 -15.46 29.48
N THR B 525 -6.41 -16.39 30.15
CA THR B 525 -5.11 -16.08 30.73
C THR B 525 -3.90 -16.74 30.03
N SER B 526 -4.16 -17.42 28.92
CA SER B 526 -3.14 -18.26 28.29
C SER B 526 -1.99 -17.47 27.68
N ALA B 527 -2.24 -16.21 27.31
CA ALA B 527 -1.17 -15.42 26.73
C ALA B 527 -0.45 -14.57 27.77
N LEU B 528 -0.92 -14.63 29.01
CA LEU B 528 -0.37 -13.77 30.05
C LEU B 528 0.74 -14.50 30.76
N ASP B 529 1.66 -13.72 31.34
CA ASP B 529 2.68 -14.25 32.20
C ASP B 529 2.09 -14.67 33.54
N THR B 530 2.87 -15.36 34.34
CA THR B 530 2.42 -15.92 35.60
C THR B 530 1.80 -14.91 36.57
N ARG B 531 2.55 -13.83 36.85
CA ARG B 531 2.11 -12.80 37.79
C ARG B 531 0.84 -12.10 37.30
N THR B 532 0.82 -11.76 36.02
CA THR B 532 -0.35 -11.12 35.41
C THR B 532 -1.54 -12.06 35.53
N GLU B 533 -1.29 -13.33 35.30
CA GLU B 533 -2.34 -14.34 35.34
C GLU B 533 -2.95 -14.39 36.75
N GLN B 534 -2.09 -14.48 37.77
CA GLN B 534 -2.57 -14.54 39.14
C GLN B 534 -3.33 -13.27 39.54
N ASP B 535 -2.87 -12.12 39.06
CA ASP B 535 -3.58 -10.86 39.31
C ASP B 535 -4.99 -10.89 38.70
N ILE B 536 -5.07 -11.29 37.43
CA ILE B 536 -6.33 -11.25 36.71
C ILE B 536 -7.35 -12.31 37.21
N LEU B 537 -6.86 -13.40 37.82
CA LEU B 537 -7.78 -14.44 38.33
C LEU B 537 -8.74 -13.95 39.45
N SER B 538 -8.27 -13.04 40.31
CA SER B 538 -9.18 -12.46 41.31
C SER B 538 -10.27 -11.54 40.72
N THR B 539 -9.87 -10.71 39.75
CA THR B 539 -10.82 -9.88 39.03
C THR B 539 -11.86 -10.74 38.33
N ARG B 541 -12.77 -13.83 39.04
CA ARG B 541 -13.61 -14.53 39.98
C ARG B 541 -14.67 -13.55 40.49
N ALA B 542 -14.25 -12.33 40.81
CA ALA B 542 -15.17 -11.28 41.27
C ALA B 542 -16.24 -10.94 40.22
N VAL B 543 -15.81 -10.89 38.97
CA VAL B 543 -16.70 -10.54 37.88
C VAL B 543 -17.66 -11.72 37.61
N ALA B 544 -17.32 -12.91 38.08
CA ALA B 544 -18.20 -14.06 37.86
C ALA B 544 -19.34 -14.12 38.87
N SER B 545 -19.47 -13.10 39.68
CA SER B 545 -20.25 -13.16 40.91
C SER B 545 -21.68 -13.68 40.74
N HIS B 546 -22.49 -13.04 39.91
CA HIS B 546 -23.87 -13.52 39.82
C HIS B 546 -24.20 -13.93 38.41
N ARG B 547 -23.21 -14.46 37.72
CA ARG B 547 -23.42 -14.95 36.38
C ARG B 547 -23.16 -16.46 36.34
N THR B 548 -23.70 -17.11 35.32
CA THR B 548 -23.27 -18.45 34.97
C THR B 548 -21.94 -18.30 34.27
N THR B 549 -20.91 -18.92 34.83
CA THR B 549 -19.58 -18.74 34.27
C THR B 549 -18.97 -20.05 33.80
N ILE B 550 -18.40 -20.02 32.59
CA ILE B 550 -17.76 -21.18 31.98
C ILE B 550 -16.34 -20.81 31.57
N SER B 551 -15.34 -21.45 32.18
CA SER B 551 -13.94 -21.12 31.87
C SER B 551 -13.27 -22.30 31.18
N ILE B 552 -12.76 -22.07 29.98
CA ILE B 552 -12.05 -23.07 29.21
C ILE B 552 -10.58 -22.77 29.37
N ALA B 553 -9.83 -23.69 29.99
CA ALA B 553 -8.44 -23.42 30.36
C ALA B 553 -7.54 -24.60 30.07
N HIS B 554 -6.30 -24.31 29.70
CA HIS B 554 -5.23 -25.31 29.53
C HIS B 554 -4.56 -25.67 30.85
N ARG B 555 -4.28 -24.65 31.65
CA ARG B 555 -3.56 -24.85 32.90
C ARG B 555 -4.55 -25.11 34.03
N LEU B 556 -4.52 -26.33 34.58
CA LEU B 556 -5.54 -26.76 35.53
C LEU B 556 -5.53 -25.97 36.86
N SER B 557 -4.36 -25.56 37.34
CA SER B 557 -4.29 -24.86 38.63
C SER B 557 -5.12 -23.57 38.60
N THR B 558 -5.23 -22.95 37.42
CA THR B 558 -6.00 -21.72 37.28
C THR B 558 -7.51 -21.91 37.42
N ILE B 559 -7.99 -23.15 37.35
CA ILE B 559 -9.43 -23.38 37.43
C ILE B 559 -9.83 -24.35 38.54
N ALA B 560 -8.87 -24.71 39.39
CA ALA B 560 -9.12 -25.72 40.43
C ALA B 560 -10.19 -25.32 41.47
N ASP B 561 -10.47 -24.03 41.60
CA ASP B 561 -11.45 -23.58 42.59
C ASP B 561 -12.88 -23.56 42.04
N SER B 562 -13.09 -24.09 40.83
CA SER B 562 -14.41 -24.11 40.19
C SER B 562 -15.40 -24.97 40.97
N ASP B 563 -16.69 -24.68 40.83
CA ASP B 563 -17.75 -25.48 41.45
C ASP B 563 -17.70 -26.90 40.91
N THR B 564 -17.50 -27.02 39.61
CA THR B 564 -17.35 -28.29 38.97
C THR B 564 -16.51 -28.16 37.69
N ILE B 565 -15.85 -29.25 37.33
CA ILE B 565 -14.94 -29.26 36.20
C ILE B 565 -15.43 -30.36 35.30
N LEU B 566 -15.62 -30.01 34.03
CA LEU B 566 -16.03 -30.96 33.01
C LEU B 566 -14.77 -31.33 32.24
N VAL B 567 -14.41 -32.61 32.21
CA VAL B 567 -13.20 -33.02 31.52
C VAL B 567 -13.58 -33.69 30.19
N LEU B 568 -13.17 -33.10 29.07
CA LEU B 568 -13.48 -33.66 27.76
C LEU B 568 -12.31 -34.54 27.29
N ASP B 569 -12.65 -35.65 26.64
CA ASP B 569 -11.67 -36.46 25.93
C ASP B 569 -12.27 -36.95 24.61
N GLN B 570 -11.52 -36.76 23.53
CA GLN B 570 -11.96 -37.18 22.18
C GLN B 570 -13.36 -36.68 21.85
N GLY B 571 -13.62 -35.41 22.12
CA GLY B 571 -14.90 -34.82 21.78
C GLY B 571 -16.09 -35.39 22.54
N ARG B 572 -15.84 -35.99 23.70
CA ARG B 572 -16.95 -36.37 24.58
C ARG B 572 -16.64 -36.03 26.04
N LEU B 573 -17.67 -36.03 26.89
CA LEU B 573 -17.46 -35.76 28.30
C LEU B 573 -16.99 -37.05 28.97
N ALA B 574 -15.72 -37.05 29.38
CA ALA B 574 -15.12 -38.21 30.01
C ALA B 574 -15.29 -38.27 31.53
N GLU B 575 -15.06 -37.13 32.20
CA GLU B 575 -15.11 -37.03 33.66
C GLU B 575 -15.80 -35.75 34.11
N GLN B 576 -16.39 -35.78 35.31
CA GLN B 576 -17.05 -34.60 35.83
C GLN B 576 -16.93 -34.50 37.34
N GLY B 577 -16.64 -33.31 37.86
CA GLY B 577 -16.66 -33.13 39.30
C GLY B 577 -15.79 -32.02 39.81
N SER B 578 -15.71 -31.92 41.14
CA SER B 578 -14.89 -30.89 41.75
C SER B 578 -13.44 -31.32 41.61
N HIS B 579 -12.52 -30.39 41.81
CA HIS B 579 -11.10 -30.67 41.71
C HIS B 579 -10.67 -31.85 42.59
N LEU B 580 -11.20 -31.89 43.82
CA LEU B 580 -10.89 -32.97 44.75
C LEU B 580 -11.48 -34.33 44.37
N ASP B 581 -12.74 -34.36 43.95
CA ASP B 581 -13.35 -35.60 43.45
C ASP B 581 -12.59 -36.16 42.27
N LEU B 582 -12.18 -35.26 41.40
CA LEU B 582 -11.41 -35.64 40.23
C LEU B 582 -10.01 -36.19 40.59
N LEU B 583 -9.33 -35.60 41.57
CA LEU B 583 -8.05 -36.17 41.98
C LEU B 583 -8.26 -37.55 42.62
N ARG B 584 -9.35 -37.71 43.36
CA ARG B 584 -9.65 -38.98 44.00
C ARG B 584 -9.95 -40.07 43.00
N ARG B 585 -10.65 -39.73 41.93
CA ARG B 585 -11.02 -40.73 40.92
C ARG B 585 -9.79 -41.35 40.23
N ASP B 586 -8.67 -40.63 40.30
CA ASP B 586 -7.38 -41.09 39.75
C ASP B 586 -7.45 -41.39 38.24
N GLY B 587 -8.31 -40.66 37.53
CA GLY B 587 -8.43 -40.83 36.10
C GLY B 587 -7.71 -39.77 35.28
N LEU B 588 -8.32 -39.39 34.15
CA LEU B 588 -7.68 -38.50 33.18
C LEU B 588 -7.29 -37.14 33.79
N TYR B 589 -8.21 -36.55 34.55
CA TYR B 589 -7.91 -35.28 35.21
C TYR B 589 -6.73 -35.41 36.18
N ALA B 590 -6.70 -36.48 36.96
CA ALA B 590 -5.60 -36.65 37.90
C ALA B 590 -4.26 -36.73 37.17
N GLU B 591 -4.25 -37.40 36.04
CA GLU B 591 -3.05 -37.54 35.22
C GLU B 591 -2.59 -36.21 34.63
N TRP B 593 -3.30 -33.29 35.89
CA TRP B 593 -2.85 -32.52 37.06
C TRP B 593 -1.42 -32.86 37.44
N ALA B 594 -1.15 -34.15 37.58
CA ALA B 594 0.19 -34.61 37.93
C ALA B 594 1.22 -34.19 36.89
N ARG B 595 0.87 -34.33 35.61
CA ARG B 595 1.77 -33.96 34.52
C ARG B 595 2.12 -32.47 34.55
N GLN B 596 1.11 -31.63 34.72
CA GLN B 596 1.32 -30.19 34.76
C GLN B 596 2.13 -29.76 35.98
N ALA B 597 1.86 -30.39 37.12
CA ALA B 597 2.60 -30.15 38.35
C ALA B 597 4.06 -30.54 38.19
N ALA B 598 4.28 -31.67 37.54
CA ALA B 598 5.63 -32.14 37.27
C ALA B 598 6.35 -31.15 36.35
N GLU B 599 5.66 -30.65 35.31
CA GLU B 599 6.29 -29.66 34.43
C GLU B 599 6.69 -28.38 35.17
N SER B 600 5.79 -27.86 36.00
CA SER B 600 6.11 -26.66 36.75
C SER B 600 7.30 -26.95 37.67
N ALA B 601 7.37 -28.18 38.17
CA ALA B 601 8.54 -28.62 38.94
C ALA B 601 9.83 -28.62 38.13
N GLU B 602 9.78 -29.12 36.89
CA GLU B 602 10.94 -29.16 36.00
C GLU B 602 11.45 -27.76 35.67
N VAL B 603 10.52 -26.88 35.31
CA VAL B 603 10.84 -25.50 34.98
C VAL B 603 11.45 -24.79 36.19
N SER B 604 10.85 -25.06 37.35
CA SER B 604 11.34 -24.49 38.61
C SER B 604 12.72 -25.05 39.00
N GLU B 605 12.99 -26.27 38.55
CA GLU B 605 14.26 -26.95 38.82
C GLU B 605 15.43 -26.25 38.14
N ALA B 606 15.16 -25.73 36.95
CA ALA B 606 16.19 -25.05 36.16
C ALA B 606 16.39 -23.60 36.62
#